data_4FB5
#
_entry.id   4FB5
#
_cell.length_a   87.342
_cell.length_b   179.094
_cell.length_c   127.824
_cell.angle_alpha   90.00
_cell.angle_beta   90.00
_cell.angle_gamma   90.00
#
_symmetry.space_group_name_H-M   'C 2 2 21'
#
loop_
_entity.id
_entity.type
_entity.pdbx_description
1 polymer 'Probable oxidoreductase protein'
2 water water
#
_entity_poly.entity_id   1
_entity_poly.type   'polypeptide(L)'
_entity_poly.pdbx_seq_one_letter_code
;(MSE)HHHHHHSSGVDLGTENLYFQS(MSE)KPLGIGLIGTGY(MSE)GKCHALAWNAVKTVFGDVERPRLVHLAEANAG
LAEARAGEFGFEKATADWRALIADPEVDVVSVTTPNQFHAE(MSE)AIAALEAGKHVWCEKP(MSE)APAYADAER
(MSE)LATAERSGKVAALGYNYIQNPV(MSE)RHIRKLVGDGVIGRVNHVRVE(MSE)DEDF(MSE)ADPDIFFYWKSEL
SAGYGALDDFAVHPLSLLWYLFGHVEAVITD(MSE)VKPYPDRPLSEGGRRAVENHDAANVL(MSE)RLDGGISAVL
(MSE)ANRAAWGRKGRIALQIYGSKGSILYDQER(MSE)NEFELYQAEGPGSEQGFRKILAAPAHRPYDRFIPAPGHGLG
FNDLKIIECRELIRAITGEPSSIVTFKDGLRIEKSVHA(MSE)AQSFHERRWIEIG
;
_entity_poly.pdbx_strand_id   A,B
#
# COMPACT_ATOMS: atom_id res chain seq x y z
N LYS A 24 11.56 24.87 -13.01
CA LYS A 24 10.17 24.70 -13.61
C LYS A 24 9.51 23.33 -13.24
N PRO A 25 8.17 23.30 -12.99
CA PRO A 25 7.44 22.03 -12.79
C PRO A 25 7.63 21.13 -13.98
N LEU A 26 7.63 19.83 -13.77
CA LEU A 26 8.07 18.93 -14.82
C LEU A 26 6.91 18.46 -15.66
N GLY A 27 7.15 18.36 -16.96
CA GLY A 27 6.08 18.06 -17.90
C GLY A 27 6.16 16.65 -18.39
N ILE A 28 5.10 15.89 -18.16
CA ILE A 28 5.18 14.45 -18.31
C ILE A 28 4.53 13.94 -19.57
N GLY A 29 5.25 13.12 -20.31
CA GLY A 29 4.63 12.40 -21.39
C GLY A 29 4.60 10.93 -21.02
N LEU A 30 3.44 10.29 -21.11
CA LEU A 30 3.37 8.86 -20.85
C LEU A 30 3.02 8.11 -22.09
N ILE A 31 3.75 7.03 -22.37
CA ILE A 31 3.40 6.06 -23.46
C ILE A 31 3.07 4.69 -22.88
N GLY A 32 1.93 4.13 -23.29
CA GLY A 32 1.42 2.87 -22.70
C GLY A 32 0.44 3.13 -21.55
N THR A 33 -0.61 2.31 -21.44
CA THR A 33 -1.68 2.53 -20.44
C THR A 33 -2.17 1.26 -19.77
N GLY A 34 -1.56 0.13 -20.17
CA GLY A 34 -1.66 -1.12 -19.45
C GLY A 34 -1.20 -0.91 -18.02
N TYR A 35 -1.15 -1.97 -17.22
CA TYR A 35 -0.91 -1.74 -15.80
C TYR A 35 0.25 -0.79 -15.50
N MSE A 36 1.40 -1.02 -16.10
CA MSE A 36 2.49 -0.18 -15.76
C MSE A 36 2.23 1.29 -16.12
O MSE A 36 2.69 2.21 -15.42
CB MSE A 36 3.79 -0.74 -16.33
CG MSE A 36 4.87 -0.90 -15.27
SE MSE A 36 4.43 -1.85 -13.59
CE MSE A 36 4.58 -3.71 -14.26
N GLY A 37 1.43 1.55 -17.15
CA GLY A 37 1.10 2.94 -17.48
C GLY A 37 0.31 3.57 -16.34
N LYS A 38 -0.68 2.83 -15.88
CA LYS A 38 -1.52 3.27 -14.77
C LYS A 38 -0.70 3.60 -13.52
N CYS A 39 0.27 2.76 -13.25
CA CYS A 39 1.09 2.93 -12.10
C CYS A 39 2.05 4.13 -12.20
N HIS A 40 2.76 4.30 -13.32
CA HIS A 40 3.45 5.59 -13.51
C HIS A 40 2.44 6.70 -13.29
N ALA A 41 1.29 6.64 -13.94
CA ALA A 41 0.39 7.78 -13.87
C ALA A 41 0.02 8.13 -12.43
N LEU A 42 -0.21 7.10 -11.61
CA LEU A 42 -0.59 7.31 -10.26
C LEU A 42 0.59 7.87 -9.49
N ALA A 43 1.77 7.44 -9.88
CA ALA A 43 2.96 7.92 -9.25
C ALA A 43 3.14 9.43 -9.52
N TRP A 44 3.15 9.80 -10.80
CA TRP A 44 3.33 11.22 -11.19
C TRP A 44 2.26 12.10 -10.51
N ASN A 45 1.04 11.57 -10.44
CA ASN A 45 -0.04 12.32 -9.82
C ASN A 45 0.09 12.44 -8.31
N ALA A 46 1.08 11.80 -7.68
CA ALA A 46 1.07 11.77 -6.21
C ALA A 46 2.35 12.15 -5.53
N VAL A 47 3.48 12.04 -6.22
CA VAL A 47 4.77 12.37 -5.61
C VAL A 47 4.68 13.59 -4.74
N LYS A 48 4.11 14.66 -5.29
CA LYS A 48 4.20 15.93 -4.59
C LYS A 48 3.41 15.92 -3.33
N THR A 49 2.14 15.52 -3.38
CA THR A 49 1.37 15.41 -2.13
C THR A 49 2.00 14.52 -1.04
N VAL A 50 2.54 13.36 -1.43
CA VAL A 50 3.27 12.51 -0.51
C VAL A 50 4.56 13.15 0.01
N PHE A 51 5.44 13.54 -0.92
CA PHE A 51 6.77 13.96 -0.56
C PHE A 51 6.88 15.44 -0.17
N GLY A 52 6.21 16.34 -0.89
CA GLY A 52 6.13 17.75 -0.49
C GLY A 52 7.27 18.70 -0.92
N ASP A 53 8.43 18.13 -1.23
CA ASP A 53 9.64 18.92 -1.50
C ASP A 53 9.90 19.06 -2.98
N VAL A 54 8.86 18.89 -3.81
CA VAL A 54 9.03 19.19 -5.22
C VAL A 54 7.85 19.80 -5.93
N GLU A 55 8.02 19.99 -7.24
CA GLU A 55 7.15 20.79 -8.08
C GLU A 55 6.09 19.88 -8.72
N ARG A 56 4.80 20.21 -8.53
CA ARG A 56 3.69 19.41 -9.08
C ARG A 56 4.00 18.98 -10.48
N PRO A 57 4.17 17.69 -10.70
CA PRO A 57 4.33 17.40 -12.09
C PRO A 57 3.02 17.65 -12.80
N ARG A 58 3.15 17.94 -14.09
CA ARG A 58 2.06 18.28 -14.99
C ARG A 58 1.98 17.18 -16.05
N LEU A 59 0.77 16.65 -16.19
CA LEU A 59 0.51 15.47 -17.01
C LEU A 59 -0.05 16.04 -18.26
N VAL A 60 0.78 15.96 -19.30
CA VAL A 60 0.58 16.73 -20.50
C VAL A 60 0.08 15.89 -21.66
N HIS A 61 0.82 14.85 -22.02
CA HIS A 61 0.60 14.11 -23.25
C HIS A 61 0.56 12.62 -22.96
N LEU A 62 -0.19 11.86 -23.76
CA LEU A 62 -0.35 10.43 -23.54
C LEU A 62 -0.62 9.67 -24.83
N ALA A 63 -0.02 8.49 -24.99
CA ALA A 63 -0.13 7.69 -26.21
C ALA A 63 -0.52 6.26 -25.95
N GLU A 64 -1.13 5.59 -26.93
CA GLU A 64 -1.46 4.14 -26.83
C GLU A 64 -1.40 3.30 -28.13
N ALA A 67 -5.19 2.30 -30.35
CA ALA A 67 -6.42 2.89 -30.88
C ALA A 67 -6.68 4.18 -30.12
N GLY A 68 -7.40 5.14 -30.72
CA GLY A 68 -7.83 6.39 -30.05
C GLY A 68 -8.66 6.17 -28.80
N LEU A 69 -8.26 5.18 -28.00
CA LEU A 69 -8.81 4.99 -26.68
C LEU A 69 -7.95 5.87 -25.79
N ALA A 70 -6.88 6.38 -26.38
CA ALA A 70 -5.98 7.30 -25.69
C ALA A 70 -6.79 8.43 -25.08
N GLU A 71 -7.78 8.94 -25.82
CA GLU A 71 -8.64 9.99 -25.26
C GLU A 71 -9.49 9.54 -24.05
N ALA A 72 -9.81 8.25 -24.00
CA ALA A 72 -10.55 7.68 -22.87
C ALA A 72 -9.69 7.61 -21.63
N ARG A 73 -8.50 7.01 -21.77
CA ARG A 73 -7.54 6.85 -20.68
C ARG A 73 -7.02 8.21 -20.22
N ALA A 74 -6.93 9.12 -21.18
CA ALA A 74 -6.52 10.49 -20.94
C ALA A 74 -7.38 11.19 -19.89
N GLY A 75 -8.68 10.90 -19.92
CA GLY A 75 -9.62 11.38 -18.91
C GLY A 75 -9.27 10.73 -17.60
N GLU A 76 -9.31 9.38 -17.57
CA GLU A 76 -9.02 8.57 -16.40
C GLU A 76 -7.79 9.01 -15.62
N PHE A 77 -6.66 9.17 -16.31
CA PHE A 77 -5.40 9.48 -15.62
C PHE A 77 -5.15 10.96 -15.39
N GLY A 78 -5.89 11.83 -16.10
CA GLY A 78 -5.74 13.27 -15.89
C GLY A 78 -4.67 13.96 -16.71
N PHE A 79 -4.57 13.58 -17.98
CA PHE A 79 -3.67 14.17 -18.98
C PHE A 79 -4.41 15.08 -19.95
N GLU A 80 -3.76 16.19 -20.30
CA GLU A 80 -4.34 17.23 -21.13
C GLU A 80 -4.55 16.78 -22.58
N LYS A 81 -3.50 16.25 -23.19
CA LYS A 81 -3.55 15.81 -24.57
C LYS A 81 -3.46 14.28 -24.68
N ALA A 82 -4.16 13.72 -25.66
CA ALA A 82 -3.99 12.32 -26.13
C ALA A 82 -3.40 12.30 -27.58
N THR A 83 -3.09 11.10 -28.11
CA THR A 83 -2.67 10.82 -29.51
C THR A 83 -2.32 9.36 -29.63
N ALA A 84 -2.26 8.85 -30.87
CA ALA A 84 -1.86 7.47 -31.11
C ALA A 84 -0.55 7.43 -31.90
N ASP A 85 0.06 8.60 -32.01
CA ASP A 85 1.40 8.76 -32.54
C ASP A 85 2.32 9.11 -31.36
N TRP A 86 3.25 8.22 -31.05
CA TRP A 86 4.16 8.46 -29.95
C TRP A 86 5.33 9.33 -30.33
N ARG A 87 5.74 9.28 -31.60
CA ARG A 87 6.78 10.16 -32.09
C ARG A 87 6.32 11.63 -31.97
N ALA A 88 5.01 11.83 -31.85
CA ALA A 88 4.42 13.15 -31.66
C ALA A 88 4.52 13.63 -30.20
N LEU A 89 4.17 12.72 -29.29
CA LEU A 89 4.40 12.95 -27.86
C LEU A 89 5.85 13.32 -27.59
N ILE A 90 6.76 12.52 -28.16
CA ILE A 90 8.19 12.71 -28.05
C ILE A 90 8.64 14.00 -28.69
N ALA A 91 7.92 14.41 -29.72
CA ALA A 91 8.18 15.69 -30.36
C ALA A 91 7.74 16.80 -29.44
N ASP A 92 6.55 16.66 -28.85
CA ASP A 92 5.94 17.76 -28.10
C ASP A 92 6.98 18.44 -27.22
N PRO A 93 7.17 19.76 -27.41
CA PRO A 93 8.06 20.58 -26.58
C PRO A 93 7.58 20.90 -25.15
N GLU A 94 6.31 20.61 -24.80
CA GLU A 94 5.87 20.84 -23.40
C GLU A 94 6.24 19.66 -22.47
N VAL A 95 6.52 18.51 -23.08
CA VAL A 95 7.02 17.34 -22.38
C VAL A 95 8.52 17.49 -22.06
N ASP A 96 8.89 17.30 -20.80
CA ASP A 96 10.31 17.28 -20.39
C ASP A 96 10.80 15.85 -20.15
N VAL A 97 9.87 14.99 -19.69
CA VAL A 97 10.13 13.60 -19.24
C VAL A 97 9.25 12.62 -19.96
N VAL A 98 9.84 11.57 -20.53
CA VAL A 98 9.02 10.49 -21.09
C VAL A 98 8.98 9.23 -20.21
N SER A 99 7.77 8.73 -19.96
CA SER A 99 7.52 7.49 -19.22
C SER A 99 7.24 6.43 -20.26
N VAL A 100 8.20 5.57 -20.53
CA VAL A 100 7.95 4.47 -21.45
C VAL A 100 7.51 3.26 -20.67
N THR A 101 6.34 2.73 -20.98
CA THR A 101 5.78 1.59 -20.24
C THR A 101 5.12 0.67 -21.19
N THR A 102 5.55 0.73 -22.45
CA THR A 102 5.02 -0.12 -23.51
C THR A 102 5.64 -1.49 -23.41
N PRO A 103 5.33 -2.38 -24.36
CA PRO A 103 5.95 -3.69 -24.30
C PRO A 103 7.46 -3.70 -24.57
N ASN A 104 8.14 -4.72 -24.07
CA ASN A 104 9.58 -4.89 -24.21
C ASN A 104 10.16 -4.44 -25.57
N GLN A 105 9.66 -5.01 -26.68
CA GLN A 105 10.22 -4.77 -28.04
C GLN A 105 10.39 -3.31 -28.39
N PHE A 106 9.52 -2.47 -27.84
CA PHE A 106 9.41 -1.08 -28.19
C PHE A 106 10.35 -0.19 -27.42
N HIS A 107 10.78 -0.64 -26.23
CA HIS A 107 11.62 0.21 -25.36
C HIS A 107 12.76 0.90 -26.09
N ALA A 108 13.66 0.12 -26.69
CA ALA A 108 14.81 0.68 -27.41
C ALA A 108 14.43 1.87 -28.29
N GLU A 109 13.50 1.62 -29.21
CA GLU A 109 13.08 2.58 -30.23
C GLU A 109 12.62 3.89 -29.61
N MSE A 110 11.84 3.75 -28.57
CA MSE A 110 11.18 4.88 -28.00
C MSE A 110 12.09 5.65 -27.10
O MSE A 110 12.23 6.87 -27.22
CB MSE A 110 9.93 4.42 -27.28
CG MSE A 110 9.02 3.56 -28.16
SE MSE A 110 7.28 3.32 -27.32
CE MSE A 110 6.29 2.39 -28.74
N ALA A 111 12.76 4.95 -26.20
CA ALA A 111 13.64 5.61 -25.25
C ALA A 111 14.71 6.43 -25.99
N ILE A 112 15.22 5.87 -27.08
CA ILE A 112 16.19 6.54 -27.93
C ILE A 112 15.57 7.74 -28.64
N ALA A 113 14.45 7.54 -29.32
CA ALA A 113 13.83 8.69 -29.95
C ALA A 113 13.60 9.75 -28.88
N ALA A 114 13.28 9.33 -27.66
CA ALA A 114 13.04 10.29 -26.59
C ALA A 114 14.31 11.03 -26.24
N LEU A 115 15.37 10.27 -25.97
CA LEU A 115 16.63 10.84 -25.56
C LEU A 115 17.17 11.83 -26.59
N GLU A 116 17.33 11.35 -27.81
CA GLU A 116 17.68 12.17 -28.98
C GLU A 116 16.90 13.46 -29.07
N ALA A 117 15.58 13.40 -28.81
CA ALA A 117 14.76 14.61 -28.79
C ALA A 117 14.93 15.37 -27.50
N GLY A 118 16.08 15.14 -26.87
CA GLY A 118 16.55 15.85 -25.66
C GLY A 118 15.67 15.76 -24.42
N LYS A 119 15.21 14.55 -24.08
CA LYS A 119 14.31 14.34 -22.90
C LYS A 119 14.76 13.24 -21.92
N HIS A 120 14.29 13.36 -20.68
CA HIS A 120 14.50 12.32 -19.64
C HIS A 120 13.59 11.09 -19.83
N VAL A 121 14.11 9.93 -19.45
CA VAL A 121 13.42 8.67 -19.66
C VAL A 121 13.27 7.82 -18.40
N TRP A 122 12.02 7.43 -18.16
CA TRP A 122 11.63 6.48 -17.11
C TRP A 122 11.04 5.31 -17.82
N CYS A 123 11.81 4.26 -17.89
CA CYS A 123 11.52 3.15 -18.75
C CYS A 123 11.33 1.91 -17.90
N GLU A 124 10.32 1.11 -18.26
CA GLU A 124 10.10 -0.16 -17.61
C GLU A 124 11.20 -1.09 -18.00
N LYS A 125 11.49 -2.02 -17.11
CA LYS A 125 12.44 -3.06 -17.39
C LYS A 125 11.80 -3.93 -18.48
N PRO A 126 12.61 -4.58 -19.34
CA PRO A 126 14.05 -4.49 -19.41
C PRO A 126 14.40 -3.36 -20.37
N MSE A 127 15.67 -3.29 -20.77
CA MSE A 127 16.07 -2.32 -21.75
C MSE A 127 15.75 -2.83 -23.12
O MSE A 127 14.98 -2.21 -23.83
CB MSE A 127 17.54 -1.98 -21.62
CG MSE A 127 17.80 -1.22 -20.39
SE MSE A 127 19.67 -1.06 -20.03
CE MSE A 127 19.87 0.64 -20.93
N ALA A 128 16.32 -3.99 -23.48
CA ALA A 128 16.02 -4.64 -24.77
C ALA A 128 16.34 -6.12 -24.64
N PRO A 129 15.74 -6.96 -25.51
CA PRO A 129 15.99 -8.41 -25.36
C PRO A 129 17.33 -8.88 -25.91
N ALA A 130 18.01 -7.99 -26.63
CA ALA A 130 19.29 -8.24 -27.24
C ALA A 130 20.29 -7.20 -26.76
N TYR A 131 21.45 -7.68 -26.31
CA TYR A 131 22.46 -6.83 -25.68
C TYR A 131 22.85 -5.58 -26.47
N ALA A 132 23.04 -5.72 -27.78
CA ALA A 132 23.56 -4.61 -28.59
C ALA A 132 22.50 -3.53 -28.80
N ASP A 133 21.24 -3.91 -28.63
CA ASP A 133 20.24 -2.89 -28.64
C ASP A 133 20.39 -2.05 -27.39
N ALA A 134 20.65 -2.71 -26.26
CA ALA A 134 20.72 -2.07 -24.98
C ALA A 134 21.93 -1.17 -24.96
N GLU A 135 23.04 -1.70 -25.48
CA GLU A 135 24.27 -0.92 -25.70
C GLU A 135 23.93 0.41 -26.36
N ARG A 136 23.25 0.34 -27.50
CA ARG A 136 22.78 1.53 -28.21
C ARG A 136 21.98 2.45 -27.34
N MSE A 137 21.16 1.89 -26.45
CA MSE A 137 20.33 2.76 -25.64
C MSE A 137 21.22 3.57 -24.70
O MSE A 137 21.00 4.78 -24.49
CB MSE A 137 19.28 1.98 -24.87
CG MSE A 137 18.27 1.24 -25.76
SE MSE A 137 17.01 0.02 -24.79
CE MSE A 137 16.09 1.41 -23.77
N LEU A 138 22.24 2.91 -24.17
CA LEU A 138 23.14 3.55 -23.24
C LEU A 138 24.01 4.61 -23.94
N ALA A 139 24.65 4.18 -25.04
CA ALA A 139 25.43 5.07 -25.88
C ALA A 139 24.63 6.32 -26.08
N THR A 140 23.39 6.19 -26.58
CA THR A 140 22.56 7.37 -26.69
C THR A 140 22.61 8.13 -25.37
N ALA A 141 22.03 7.56 -24.31
CA ALA A 141 21.79 8.27 -23.06
C ALA A 141 22.99 9.03 -22.51
N GLU A 142 24.13 8.34 -22.45
CA GLU A 142 25.42 8.95 -22.12
C GLU A 142 25.58 10.20 -22.98
N ARG A 143 25.51 9.97 -24.29
CA ARG A 143 25.56 11.05 -25.29
C ARG A 143 24.46 12.08 -25.07
N SER A 144 23.27 11.63 -24.76
CA SER A 144 22.14 12.53 -24.52
C SER A 144 22.48 13.57 -23.46
N GLY A 145 21.46 14.25 -22.95
CA GLY A 145 21.66 15.27 -21.94
C GLY A 145 20.81 15.04 -20.70
N LYS A 146 19.67 14.37 -20.89
CA LYS A 146 18.76 14.08 -19.80
C LYS A 146 19.12 12.76 -19.13
N VAL A 147 18.48 12.49 -17.99
CA VAL A 147 18.72 11.26 -17.25
C VAL A 147 17.87 10.12 -17.79
N ALA A 148 18.27 8.89 -17.49
CA ALA A 148 17.54 7.70 -17.95
C ALA A 148 17.47 6.60 -16.88
N ALA A 149 16.25 6.35 -16.37
CA ALA A 149 16.05 5.39 -15.27
C ALA A 149 15.21 4.18 -15.66
N LEU A 150 15.41 3.10 -14.95
CA LEU A 150 14.61 1.91 -15.16
C LEU A 150 13.73 1.65 -13.95
N GLY A 151 12.63 0.93 -14.18
CA GLY A 151 11.66 0.65 -13.14
C GLY A 151 12.00 -0.63 -12.42
N TYR A 152 13.07 -0.56 -11.65
CA TYR A 152 13.38 -1.65 -10.76
C TYR A 152 12.85 -1.21 -9.39
N ASN A 153 11.54 -1.29 -9.19
CA ASN A 153 10.93 -0.67 -7.99
C ASN A 153 11.16 -1.36 -6.65
N TYR A 154 11.32 -2.68 -6.64
CA TYR A 154 11.56 -3.39 -5.40
C TYR A 154 12.63 -2.72 -4.54
N ILE A 155 13.73 -2.30 -5.19
CA ILE A 155 14.81 -1.43 -4.65
C ILE A 155 14.36 -0.28 -3.77
N GLN A 156 13.18 0.28 -4.00
CA GLN A 156 12.78 1.49 -3.31
C GLN A 156 12.02 1.27 -2.01
N ASN A 157 11.65 0.03 -1.73
CA ASN A 157 10.96 -0.30 -0.46
C ASN A 157 11.78 0.28 0.66
N PRO A 158 11.13 0.98 1.60
CA PRO A 158 11.81 1.44 2.80
C PRO A 158 12.49 0.33 3.59
N VAL A 159 11.88 -0.85 3.65
CA VAL A 159 12.46 -1.97 4.38
C VAL A 159 13.80 -2.29 3.74
N MSE A 160 13.83 -2.19 2.43
CA MSE A 160 14.98 -2.54 1.69
C MSE A 160 16.08 -1.48 1.90
O MSE A 160 17.23 -1.86 2.07
CB MSE A 160 14.57 -2.74 0.23
CG MSE A 160 15.62 -3.38 -0.64
SE MSE A 160 15.99 -5.23 0.01
CE MSE A 160 14.21 -5.94 -0.52
N ARG A 161 15.75 -0.17 1.89
CA ARG A 161 16.78 0.83 2.24
C ARG A 161 17.32 0.60 3.64
N HIS A 162 16.45 0.18 4.56
CA HIS A 162 16.95 -0.16 5.86
C HIS A 162 17.78 -1.40 5.87
N ILE A 163 17.52 -2.36 4.99
CA ILE A 163 18.41 -3.53 4.91
C ILE A 163 19.82 -3.11 4.49
N ARG A 164 19.91 -2.30 3.46
CA ARG A 164 21.19 -1.78 2.95
C ARG A 164 21.96 -1.10 4.04
N LYS A 165 21.28 -0.21 4.78
CA LYS A 165 21.89 0.47 5.89
C LYS A 165 22.44 -0.48 6.97
N LEU A 166 21.62 -1.38 7.51
CA LEU A 166 22.18 -2.35 8.46
C LEU A 166 23.41 -3.09 7.89
N VAL A 167 23.32 -3.58 6.66
CA VAL A 167 24.45 -4.28 6.07
C VAL A 167 25.69 -3.37 5.98
N GLY A 168 25.50 -2.14 5.44
CA GLY A 168 26.57 -1.21 5.28
C GLY A 168 27.29 -0.96 6.59
N ASP A 169 26.53 -0.90 7.68
CA ASP A 169 27.05 -0.50 8.95
C ASP A 169 27.65 -1.67 9.71
N GLY A 170 28.04 -2.68 8.96
CA GLY A 170 28.52 -3.91 9.61
C GLY A 170 27.60 -4.54 10.65
N VAL A 171 26.30 -4.32 10.62
CA VAL A 171 25.45 -4.90 11.65
C VAL A 171 25.46 -6.44 11.66
N ILE A 172 25.52 -7.08 10.49
CA ILE A 172 25.69 -8.54 10.49
C ILE A 172 27.12 -9.04 10.13
N GLY A 173 28.09 -8.12 10.15
CA GLY A 173 29.49 -8.51 9.90
C GLY A 173 29.70 -8.56 8.39
N ARG A 174 30.62 -9.42 7.97
CA ARG A 174 30.95 -9.55 6.54
C ARG A 174 30.01 -10.62 6.00
N VAL A 175 29.28 -10.26 4.94
CA VAL A 175 28.34 -11.14 4.26
C VAL A 175 29.14 -12.22 3.55
N ASN A 176 28.86 -13.50 3.84
CA ASN A 176 29.49 -14.66 3.25
C ASN A 176 28.58 -15.21 2.13
N HIS A 177 27.29 -15.41 2.42
CA HIS A 177 26.34 -16.13 1.57
C HIS A 177 25.02 -15.40 1.34
N VAL A 178 24.48 -15.50 0.15
CA VAL A 178 23.21 -14.84 -0.11
C VAL A 178 22.32 -15.70 -0.98
N ARG A 179 21.05 -15.84 -0.57
CA ARG A 179 20.01 -16.57 -1.30
C ARG A 179 18.91 -15.63 -1.77
N VAL A 180 18.38 -15.82 -2.98
CA VAL A 180 17.33 -14.89 -3.50
C VAL A 180 16.32 -15.56 -4.38
N GLU A 181 15.02 -15.50 -4.10
CA GLU A 181 14.07 -16.33 -4.87
C GLU A 181 13.08 -15.42 -5.46
N MSE A 182 12.83 -15.50 -6.75
CA MSE A 182 11.64 -14.79 -7.27
C MSE A 182 10.65 -15.71 -7.95
O MSE A 182 10.93 -16.24 -9.03
CB MSE A 182 11.95 -13.58 -8.16
CG MSE A 182 10.66 -12.93 -8.65
SE MSE A 182 10.93 -11.15 -9.37
CE MSE A 182 9.10 -10.45 -9.66
N ASP A 183 9.48 -15.84 -7.30
CA ASP A 183 8.43 -16.75 -7.78
C ASP A 183 7.01 -16.16 -7.96
N GLU A 184 6.38 -16.57 -9.05
CA GLU A 184 4.97 -16.33 -9.27
C GLU A 184 4.39 -17.57 -9.90
N ASP A 185 3.10 -17.59 -10.20
CA ASP A 185 2.48 -18.76 -10.78
C ASP A 185 1.62 -18.47 -11.99
N PHE A 186 1.85 -17.34 -12.65
CA PHE A 186 1.05 -17.01 -13.83
C PHE A 186 1.43 -17.81 -15.08
N MSE A 187 2.51 -18.61 -15.04
CA MSE A 187 2.72 -19.61 -16.09
C MSE A 187 2.49 -21.04 -15.60
O MSE A 187 2.81 -21.99 -16.33
CB MSE A 187 4.10 -19.51 -16.71
CG MSE A 187 4.39 -18.11 -17.20
SE MSE A 187 3.72 -17.76 -19.01
CE MSE A 187 3.27 -16.00 -18.65
N ALA A 188 1.97 -21.21 -14.40
CA ALA A 188 1.89 -22.54 -13.84
C ALA A 188 0.87 -23.35 -14.58
N ASP A 189 -0.21 -22.72 -14.98
CA ASP A 189 -1.29 -23.45 -15.62
C ASP A 189 -0.90 -23.74 -17.08
N PRO A 190 -0.71 -25.02 -17.39
CA PRO A 190 -0.24 -25.35 -18.73
C PRO A 190 -1.24 -25.11 -19.84
N ASP A 191 -2.50 -24.77 -19.51
CA ASP A 191 -3.55 -24.60 -20.54
C ASP A 191 -3.80 -23.21 -21.03
N ILE A 192 -3.16 -22.23 -20.42
CA ILE A 192 -3.25 -20.87 -20.90
C ILE A 192 -2.64 -20.80 -22.31
N PHE A 193 -3.27 -20.05 -23.21
CA PHE A 193 -2.76 -19.94 -24.56
C PHE A 193 -1.38 -19.35 -24.61
N PHE A 194 -0.58 -19.92 -25.51
CA PHE A 194 0.69 -19.37 -25.94
C PHE A 194 0.65 -17.88 -26.28
N TYR A 195 1.48 -17.10 -25.64
CA TYR A 195 1.68 -15.73 -26.13
C TYR A 195 3.20 -15.33 -26.09
N TRP A 196 3.48 -14.02 -26.22
CA TRP A 196 4.86 -13.63 -26.43
C TRP A 196 5.82 -14.12 -25.35
N LYS A 197 5.31 -14.42 -24.15
CA LYS A 197 6.19 -14.78 -23.06
C LYS A 197 6.79 -16.16 -23.19
N SER A 198 6.50 -16.81 -24.32
CA SER A 198 7.06 -18.11 -24.65
C SER A 198 7.87 -18.11 -25.93
N GLU A 199 8.16 -16.93 -26.46
CA GLU A 199 8.96 -16.79 -27.66
C GLU A 199 10.36 -16.36 -27.30
N LEU A 200 11.35 -17.17 -27.68
CA LEU A 200 12.73 -16.92 -27.36
C LEU A 200 13.15 -15.56 -27.85
N SER A 201 12.65 -15.19 -29.03
CA SER A 201 13.03 -13.90 -29.57
C SER A 201 12.46 -12.73 -28.75
N ALA A 202 11.52 -13.02 -27.84
CA ALA A 202 10.95 -11.94 -26.99
C ALA A 202 11.50 -11.96 -25.56
N GLY A 203 12.29 -12.98 -25.23
CA GLY A 203 12.94 -13.08 -23.94
C GLY A 203 13.24 -14.53 -23.62
N TYR A 204 14.18 -14.75 -22.72
CA TYR A 204 14.59 -16.07 -22.22
C TYR A 204 13.53 -16.71 -21.33
N GLY A 205 12.75 -15.84 -20.69
CA GLY A 205 11.70 -16.23 -19.78
C GLY A 205 12.00 -15.74 -18.40
N ALA A 206 11.98 -16.68 -17.46
CA ALA A 206 12.33 -16.44 -16.08
C ALA A 206 13.48 -15.42 -15.89
N LEU A 207 14.58 -15.63 -16.63
CA LEU A 207 15.74 -14.75 -16.62
C LEU A 207 15.42 -13.32 -17.00
N ASP A 208 14.84 -13.12 -18.19
CA ASP A 208 14.45 -11.80 -18.67
C ASP A 208 13.47 -11.09 -17.72
N ASP A 209 12.53 -11.85 -17.18
CA ASP A 209 11.30 -11.25 -16.67
C ASP A 209 11.41 -11.05 -15.18
N PHE A 210 12.03 -12.01 -14.52
CA PHE A 210 12.06 -12.09 -13.09
C PHE A 210 13.44 -11.85 -12.51
N ALA A 211 14.49 -12.43 -13.11
CA ALA A 211 15.84 -12.43 -12.50
C ALA A 211 16.43 -11.02 -12.33
N VAL A 212 15.98 -10.11 -13.18
CA VAL A 212 16.49 -8.75 -13.16
C VAL A 212 16.15 -7.99 -11.86
N HIS A 213 14.98 -8.28 -11.30
CA HIS A 213 14.62 -7.74 -10.00
C HIS A 213 15.58 -8.23 -8.89
N PRO A 214 15.63 -9.55 -8.66
CA PRO A 214 16.59 -9.98 -7.65
C PRO A 214 18.01 -9.48 -7.94
N LEU A 215 18.44 -9.46 -9.21
CA LEU A 215 19.77 -8.89 -9.45
C LEU A 215 19.76 -7.39 -9.16
N SER A 216 18.68 -6.70 -9.52
CA SER A 216 18.65 -5.32 -9.14
C SER A 216 18.81 -5.23 -7.64
N LEU A 217 18.23 -6.20 -6.90
CA LEU A 217 18.42 -6.13 -5.44
C LEU A 217 19.86 -6.40 -5.00
N LEU A 218 20.48 -7.44 -5.57
CA LEU A 218 21.85 -7.73 -5.23
C LEU A 218 22.75 -6.53 -5.59
N TRP A 219 22.28 -5.73 -6.57
CA TRP A 219 23.08 -4.66 -7.06
C TRP A 219 23.06 -3.59 -6.02
N TYR A 220 21.85 -3.17 -5.69
CA TYR A 220 21.59 -2.16 -4.65
C TYR A 220 22.31 -2.42 -3.35
N LEU A 221 22.28 -3.68 -2.92
CA LEU A 221 22.87 -4.11 -1.66
C LEU A 221 24.40 -4.35 -1.72
N PHE A 222 24.89 -4.90 -2.83
CA PHE A 222 26.24 -5.39 -2.90
C PHE A 222 26.98 -4.87 -4.12
N GLY A 223 26.63 -5.41 -5.27
CA GLY A 223 27.00 -4.86 -6.52
C GLY A 223 26.71 -5.90 -7.57
N HIS A 224 27.41 -5.77 -8.69
CA HIS A 224 27.19 -6.57 -9.88
C HIS A 224 27.68 -8.03 -9.78
N VAL A 225 27.28 -8.85 -10.74
CA VAL A 225 27.54 -10.28 -10.67
C VAL A 225 28.80 -10.64 -11.47
N GLU A 226 29.56 -11.63 -11.02
CA GLU A 226 30.90 -11.81 -11.61
C GLU A 226 31.15 -13.12 -12.28
N ALA A 227 30.63 -14.20 -11.74
CA ALA A 227 30.64 -15.46 -12.44
C ALA A 227 29.26 -16.06 -12.17
N VAL A 228 28.76 -16.91 -13.08
CA VAL A 228 27.43 -17.51 -12.97
C VAL A 228 27.45 -18.90 -13.58
N ILE A 229 26.66 -19.83 -13.05
CA ILE A 229 26.34 -21.01 -13.81
C ILE A 229 24.88 -21.44 -13.57
N THR A 230 24.17 -21.69 -14.68
CA THR A 230 22.75 -21.75 -14.71
C THR A 230 22.17 -23.10 -15.09
N ASP A 231 21.16 -23.56 -14.35
CA ASP A 231 20.30 -24.67 -14.78
C ASP A 231 18.94 -24.04 -15.07
N MSE A 232 18.27 -24.49 -16.13
CA MSE A 232 17.02 -23.85 -16.57
C MSE A 232 15.95 -24.87 -16.81
O MSE A 232 16.28 -25.95 -17.26
CB MSE A 232 17.21 -23.01 -17.81
CG MSE A 232 17.44 -21.64 -17.41
SE MSE A 232 17.87 -20.56 -18.91
CE MSE A 232 16.97 -18.90 -18.52
N VAL A 233 14.71 -24.53 -16.47
CA VAL A 233 13.59 -25.48 -16.69
C VAL A 233 12.53 -24.99 -17.70
N LYS A 234 12.24 -25.81 -18.73
CA LYS A 234 10.99 -25.76 -19.50
C LYS A 234 9.95 -26.77 -18.95
N PRO A 235 9.14 -26.35 -17.95
CA PRO A 235 8.23 -27.32 -17.35
C PRO A 235 7.25 -27.96 -18.34
N TYR A 236 6.86 -27.23 -19.41
CA TYR A 236 5.86 -27.69 -20.39
C TYR A 236 6.38 -27.67 -21.86
N PRO A 237 6.32 -28.81 -22.58
CA PRO A 237 7.00 -28.73 -23.92
C PRO A 237 6.29 -27.78 -24.88
N ASP A 238 4.97 -27.60 -24.73
CA ASP A 238 4.19 -26.89 -25.74
C ASP A 238 3.01 -26.26 -25.07
N ARG A 239 2.25 -25.39 -25.75
CA ARG A 239 1.02 -24.85 -25.14
C ARG A 239 -0.01 -24.55 -26.22
N PRO A 240 -1.30 -24.68 -25.93
CA PRO A 240 -2.24 -24.40 -27.03
C PRO A 240 -2.13 -22.96 -27.60
N LEU A 241 -2.51 -22.85 -28.86
CA LEU A 241 -2.75 -21.60 -29.61
C LEU A 241 -4.23 -21.22 -29.58
N SER A 242 -4.47 -19.93 -29.42
CA SER A 242 -5.82 -19.44 -29.27
C SER A 242 -6.60 -19.64 -30.56
N GLU A 243 -5.90 -19.69 -31.68
CA GLU A 243 -6.58 -19.93 -32.94
C GLU A 243 -6.49 -21.39 -33.45
N GLY A 244 -6.01 -22.27 -32.57
CA GLY A 244 -6.17 -23.72 -32.76
C GLY A 244 -4.83 -24.36 -32.99
N GLY A 245 -4.67 -25.61 -32.58
CA GLY A 245 -3.36 -26.27 -32.59
C GLY A 245 -2.49 -25.98 -31.36
N ARG A 246 -1.21 -26.34 -31.45
CA ARG A 246 -0.22 -26.25 -30.39
C ARG A 246 1.14 -25.65 -30.86
N ARG A 247 1.85 -24.96 -29.99
CA ARG A 247 3.22 -24.54 -30.30
C ARG A 247 4.23 -24.93 -29.25
N ALA A 248 5.39 -25.37 -29.70
CA ALA A 248 6.59 -25.56 -28.85
C ALA A 248 6.91 -24.36 -27.96
N VAL A 249 7.08 -24.60 -26.66
CA VAL A 249 7.65 -23.54 -25.82
C VAL A 249 9.13 -23.40 -26.10
N GLU A 250 9.59 -22.16 -26.28
CA GLU A 250 10.92 -21.85 -26.85
C GLU A 250 11.95 -21.44 -25.78
N ASN A 251 11.37 -21.18 -24.62
CA ASN A 251 11.79 -20.38 -23.51
C ASN A 251 11.85 -21.29 -22.32
N HIS A 252 12.28 -20.69 -21.23
CA HIS A 252 12.41 -21.38 -19.97
C HIS A 252 11.69 -20.62 -18.85
N ASP A 253 10.80 -21.30 -18.15
CA ASP A 253 10.03 -20.63 -17.11
C ASP A 253 10.71 -20.69 -15.75
N ALA A 254 11.89 -21.28 -15.68
CA ALA A 254 12.59 -21.42 -14.40
C ALA A 254 14.11 -21.47 -14.60
N ALA A 255 14.82 -20.85 -13.67
CA ALA A 255 16.26 -20.70 -13.72
C ALA A 255 16.85 -20.67 -12.32
N ASN A 256 17.90 -21.44 -12.17
CA ASN A 256 18.59 -21.56 -10.90
C ASN A 256 20.03 -21.25 -11.22
N VAL A 257 20.61 -20.34 -10.49
CA VAL A 257 21.89 -19.81 -10.85
C VAL A 257 22.73 -19.79 -9.60
N LEU A 258 23.91 -20.40 -9.66
CA LEU A 258 24.92 -20.21 -8.66
C LEU A 258 25.73 -19.00 -9.07
N MSE A 259 26.16 -18.17 -8.14
CA MSE A 259 26.92 -17.00 -8.57
C MSE A 259 28.03 -16.60 -7.62
O MSE A 259 28.26 -17.22 -6.59
CB MSE A 259 26.02 -15.80 -8.82
CG MSE A 259 24.59 -16.14 -9.17
SE MSE A 259 23.42 -14.56 -9.39
CE MSE A 259 23.00 -14.18 -7.52
N ARG A 260 28.72 -15.52 -8.00
CA ARG A 260 29.69 -14.85 -7.18
C ARG A 260 29.50 -13.37 -7.44
N LEU A 261 29.30 -12.58 -6.41
CA LEU A 261 29.21 -11.17 -6.65
C LEU A 261 30.52 -10.51 -6.32
N ASP A 262 30.50 -9.20 -6.51
CA ASP A 262 31.46 -8.26 -6.00
C ASP A 262 31.90 -8.68 -4.62
N GLY A 263 33.21 -8.77 -4.43
CA GLY A 263 33.78 -9.09 -3.11
C GLY A 263 33.91 -10.58 -2.83
N GLY A 264 33.77 -11.40 -3.87
CA GLY A 264 33.65 -12.86 -3.71
C GLY A 264 32.46 -13.47 -2.94
N ILE A 265 31.39 -12.69 -2.67
CA ILE A 265 30.18 -13.22 -2.02
C ILE A 265 29.49 -14.29 -2.84
N SER A 266 29.15 -15.38 -2.18
CA SER A 266 28.60 -16.51 -2.86
C SER A 266 27.07 -16.41 -2.81
N ALA A 267 26.40 -16.55 -3.95
CA ALA A 267 24.98 -16.23 -4.02
C ALA A 267 24.24 -17.27 -4.83
N VAL A 268 23.02 -17.61 -4.42
CA VAL A 268 22.17 -18.48 -5.21
C VAL A 268 20.98 -17.66 -5.60
N LEU A 269 20.60 -17.74 -6.88
CA LEU A 269 19.39 -17.09 -7.44
C LEU A 269 18.45 -18.15 -8.06
N MSE A 270 17.17 -18.05 -7.76
CA MSE A 270 16.17 -18.97 -8.25
C MSE A 270 15.05 -18.07 -8.72
O MSE A 270 14.66 -17.16 -7.99
CB MSE A 270 15.69 -19.90 -7.14
CG MSE A 270 16.82 -20.74 -6.66
SE MSE A 270 16.71 -21.50 -4.85
CE MSE A 270 17.48 -20.03 -3.76
N ALA A 271 14.59 -18.27 -9.94
CA ALA A 271 13.49 -17.49 -10.50
C ALA A 271 12.58 -18.51 -11.10
N ASN A 272 11.29 -18.35 -10.89
CA ASN A 272 10.32 -19.35 -11.35
C ASN A 272 8.95 -18.71 -11.62
N ARG A 273 8.43 -18.93 -12.82
CA ARG A 273 7.17 -18.34 -13.23
C ARG A 273 6.03 -19.35 -13.24
N ALA A 274 6.31 -20.58 -12.81
CA ALA A 274 5.29 -21.58 -12.80
C ALA A 274 5.34 -22.21 -11.43
N ALA A 275 5.28 -21.37 -10.42
CA ALA A 275 5.42 -21.88 -9.04
C ALA A 275 4.11 -21.71 -8.35
N TRP A 276 3.25 -22.73 -8.45
CA TRP A 276 1.87 -22.66 -7.94
C TRP A 276 1.81 -22.19 -6.49
N GLY A 277 0.97 -21.17 -6.26
CA GLY A 277 0.82 -20.61 -4.95
C GLY A 277 1.82 -19.55 -4.55
N ARG A 278 2.85 -19.30 -5.33
CA ARG A 278 3.60 -18.09 -5.12
C ARG A 278 2.93 -16.97 -5.94
N LYS A 279 2.65 -15.83 -5.34
CA LYS A 279 1.95 -14.77 -6.06
C LYS A 279 2.87 -13.64 -6.40
N GLY A 280 3.62 -13.17 -5.43
CA GLY A 280 4.46 -12.02 -5.66
C GLY A 280 5.67 -12.18 -4.80
N ARG A 281 6.23 -13.40 -4.76
CA ARG A 281 7.26 -13.71 -3.80
C ARG A 281 8.64 -13.28 -4.30
N ILE A 282 9.37 -12.57 -3.46
CA ILE A 282 10.79 -12.38 -3.65
C ILE A 282 11.34 -12.65 -2.29
N ALA A 283 12.16 -13.68 -2.16
CA ALA A 283 12.62 -14.06 -0.82
C ALA A 283 14.10 -13.90 -0.80
N LEU A 284 14.56 -13.15 0.16
CA LEU A 284 15.95 -12.84 0.22
C LEU A 284 16.50 -13.23 1.57
N GLN A 285 17.55 -14.03 1.58
CA GLN A 285 18.23 -14.39 2.83
C GLN A 285 19.69 -13.99 2.74
N ILE A 286 20.17 -13.27 3.74
CA ILE A 286 21.56 -12.77 3.75
C ILE A 286 22.34 -13.28 4.94
N TYR A 287 23.50 -13.87 4.76
CA TYR A 287 24.19 -14.45 5.91
C TYR A 287 25.59 -13.87 6.08
N GLY A 288 25.85 -13.32 7.27
CA GLY A 288 27.13 -12.75 7.60
C GLY A 288 27.80 -13.37 8.81
N SER A 289 28.98 -12.90 9.14
CA SER A 289 29.72 -13.49 10.25
C SER A 289 29.24 -13.03 11.61
N LYS A 290 28.37 -12.01 11.63
CA LYS A 290 27.79 -11.59 12.93
C LYS A 290 26.25 -11.60 12.99
N GLY A 291 25.61 -12.16 11.95
CA GLY A 291 24.19 -12.27 11.94
C GLY A 291 23.56 -12.46 10.59
N SER A 292 22.24 -12.34 10.53
CA SER A 292 21.47 -12.67 9.31
C SER A 292 20.27 -11.78 9.07
N ILE A 293 19.85 -11.71 7.83
CA ILE A 293 18.60 -11.03 7.46
C ILE A 293 17.71 -11.88 6.54
N LEU A 294 16.41 -11.89 6.83
CA LEU A 294 15.38 -12.50 6.00
C LEU A 294 14.37 -11.45 5.58
N TYR A 295 13.94 -11.51 4.30
CA TYR A 295 12.93 -10.62 3.77
C TYR A 295 12.10 -11.37 2.76
N ASP A 296 10.82 -11.02 2.65
CA ASP A 296 9.90 -11.68 1.75
C ASP A 296 8.85 -10.66 1.26
N GLN A 297 8.95 -10.28 -0.02
CA GLN A 297 8.04 -9.36 -0.69
C GLN A 297 6.54 -9.57 -0.42
N GLU A 298 6.15 -10.78 -0.05
CA GLU A 298 4.73 -11.06 0.14
C GLU A 298 4.20 -10.49 1.47
N ARG A 299 5.16 -10.16 2.34
CA ARG A 299 5.00 -9.36 3.55
C ARG A 299 6.05 -8.24 3.47
N MSE A 300 5.98 -7.55 2.37
CA MSE A 300 6.70 -6.33 2.02
C MSE A 300 7.04 -5.37 3.21
O MSE A 300 8.00 -4.58 3.18
CB MSE A 300 5.70 -5.59 1.17
CG MSE A 300 6.24 -5.14 -0.07
SE MSE A 300 5.27 -3.54 -0.73
CE MSE A 300 3.38 -4.14 -0.46
N ASN A 301 6.18 -5.39 4.21
CA ASN A 301 6.33 -4.39 5.24
C ASN A 301 7.07 -4.89 6.48
N GLU A 302 7.86 -5.93 6.35
CA GLU A 302 8.61 -6.46 7.47
C GLU A 302 9.90 -7.10 6.99
N PHE A 303 10.80 -7.34 7.92
CA PHE A 303 11.93 -8.20 7.70
C PHE A 303 12.39 -8.71 9.02
N GLU A 304 13.23 -9.72 8.97
CA GLU A 304 13.65 -10.42 10.15
C GLU A 304 15.15 -10.30 10.23
N LEU A 305 15.66 -9.93 11.40
CA LEU A 305 17.08 -9.66 11.62
C LEU A 305 17.63 -10.43 12.81
N TYR A 306 18.70 -11.19 12.58
CA TYR A 306 19.31 -11.98 13.67
C TYR A 306 20.69 -11.48 14.03
N GLN A 307 20.90 -11.20 15.32
CA GLN A 307 22.17 -10.69 15.77
C GLN A 307 22.85 -11.56 16.76
N ALA A 308 24.01 -12.09 16.40
CA ALA A 308 24.82 -12.89 17.29
C ALA A 308 25.40 -11.94 18.35
N GLU A 309 24.58 -11.55 19.30
CA GLU A 309 24.89 -10.37 20.11
C GLU A 309 23.95 -10.47 21.29
N GLY A 310 24.49 -10.83 22.45
CA GLY A 310 23.68 -10.87 23.64
C GLY A 310 23.58 -12.25 24.24
N PRO A 311 22.75 -12.39 25.30
CA PRO A 311 22.70 -13.71 25.96
C PRO A 311 22.15 -14.75 25.00
N GLY A 312 22.79 -15.92 25.01
CA GLY A 312 22.49 -16.99 24.07
C GLY A 312 21.10 -17.55 24.22
N SER A 313 20.54 -17.45 25.43
CA SER A 313 19.20 -17.97 25.62
C SER A 313 18.11 -17.00 25.16
N GLU A 314 18.48 -15.85 24.59
CA GLU A 314 17.51 -14.96 23.96
C GLU A 314 17.95 -14.55 22.59
N GLN A 315 18.48 -15.47 21.85
CA GLN A 315 18.75 -15.08 20.51
C GLN A 315 17.69 -15.58 19.54
N GLY A 316 17.50 -14.83 18.48
CA GLY A 316 16.65 -15.28 17.45
C GLY A 316 16.38 -14.12 16.59
N PHE A 317 15.69 -14.40 15.50
CA PHE A 317 15.41 -13.38 14.54
C PHE A 317 14.43 -12.40 15.08
N ARG A 318 14.63 -11.13 14.80
CA ARG A 318 13.60 -10.20 15.18
C ARG A 318 12.78 -9.78 14.03
N LYS A 319 11.47 -9.84 14.21
CA LYS A 319 10.51 -9.39 13.19
C LYS A 319 10.29 -7.87 13.33
N ILE A 320 10.89 -7.12 12.43
CA ILE A 320 10.82 -5.68 12.51
C ILE A 320 9.84 -5.09 11.50
N LEU A 321 8.82 -4.36 11.99
CA LEU A 321 7.78 -3.79 11.12
C LEU A 321 8.09 -2.40 10.55
N ALA A 322 7.82 -2.22 9.27
CA ALA A 322 8.08 -0.94 8.61
C ALA A 322 7.55 0.23 9.45
N ALA A 323 8.42 1.22 9.68
CA ALA A 323 8.09 2.34 10.62
C ALA A 323 8.57 3.69 10.14
N PRO A 324 8.06 4.78 10.71
CA PRO A 324 8.48 6.13 10.29
C PRO A 324 10.00 6.33 10.27
N ALA A 325 10.74 5.70 11.18
CA ALA A 325 12.20 5.71 11.15
C ALA A 325 12.85 5.12 9.88
N HIS A 326 12.17 4.21 9.19
CA HIS A 326 12.69 3.60 7.97
C HIS A 326 12.25 4.49 6.81
N ARG A 327 13.05 5.51 6.60
CA ARG A 327 12.67 6.56 5.70
C ARG A 327 12.67 6.00 4.29
N PRO A 328 11.68 6.40 3.47
CA PRO A 328 10.72 7.44 3.73
C PRO A 328 9.34 6.92 4.05
N TYR A 329 9.25 5.86 4.83
CA TYR A 329 7.96 5.38 5.22
C TYR A 329 7.27 6.58 5.84
N ASP A 330 8.02 7.43 6.51
CA ASP A 330 7.43 8.56 7.25
C ASP A 330 6.63 9.48 6.33
N ARG A 331 7.08 9.65 5.10
CA ARG A 331 6.26 10.47 4.26
C ARG A 331 4.87 9.84 3.92
N PHE A 332 4.69 8.54 4.09
CA PHE A 332 3.39 7.93 3.80
C PHE A 332 2.46 7.81 4.98
N ILE A 333 3.00 7.48 6.13
CA ILE A 333 2.17 7.22 7.30
C ILE A 333 2.91 7.56 8.59
N PRO A 334 2.26 8.23 9.52
CA PRO A 334 3.05 8.46 10.74
C PRO A 334 2.93 7.37 11.82
N ALA A 335 2.31 6.23 11.54
CA ALA A 335 2.24 5.14 12.52
C ALA A 335 2.94 3.89 12.01
N PRO A 336 3.72 3.22 12.89
CA PRO A 336 4.35 1.98 12.39
C PRO A 336 3.34 0.89 12.15
N GLY A 337 3.71 -0.06 11.30
CA GLY A 337 3.08 -1.36 11.25
C GLY A 337 1.80 -1.35 10.48
N HIS A 338 1.59 -0.27 9.71
CA HIS A 338 0.34 -0.05 8.98
C HIS A 338 0.45 -0.40 7.48
N GLY A 339 1.65 -0.30 6.93
CA GLY A 339 1.95 -0.84 5.63
C GLY A 339 1.86 0.07 4.42
N LEU A 340 2.88 -0.02 3.55
CA LEU A 340 2.79 0.46 2.18
C LEU A 340 2.34 -0.65 1.24
N GLY A 341 1.97 -0.26 0.02
CA GLY A 341 1.46 -1.16 -1.01
C GLY A 341 2.44 -1.25 -2.15
N PHE A 342 2.25 -2.18 -3.07
CA PHE A 342 3.08 -2.20 -4.27
C PHE A 342 3.13 -0.81 -4.99
N ASN A 343 2.02 -0.10 -5.12
CA ASN A 343 2.04 1.18 -5.87
C ASN A 343 2.87 2.26 -5.15
N ASP A 344 2.88 2.20 -3.82
CA ASP A 344 3.68 3.10 -3.05
C ASP A 344 5.17 3.08 -3.50
N LEU A 345 5.63 1.93 -3.96
CA LEU A 345 7.01 1.81 -4.41
C LEU A 345 7.29 2.55 -5.71
N LYS A 346 6.26 2.77 -6.52
CA LYS A 346 6.45 3.50 -7.75
C LYS A 346 6.56 4.99 -7.47
N ILE A 347 5.86 5.47 -6.45
CA ILE A 347 5.89 6.88 -6.04
C ILE A 347 7.30 7.27 -5.56
N ILE A 348 7.89 6.42 -4.73
CA ILE A 348 9.25 6.62 -4.25
C ILE A 348 10.22 6.61 -5.44
N GLU A 349 10.10 5.63 -6.32
CA GLU A 349 10.95 5.61 -7.52
C GLU A 349 10.78 6.89 -8.37
N CYS A 350 9.54 7.35 -8.53
CA CYS A 350 9.26 8.62 -9.17
C CYS A 350 9.99 9.75 -8.44
N ARG A 351 9.85 9.77 -7.12
CA ARG A 351 10.58 10.75 -6.37
C ARG A 351 12.06 10.63 -6.71
N GLU A 352 12.65 9.45 -6.65
CA GLU A 352 14.09 9.38 -6.83
C GLU A 352 14.51 9.80 -8.24
N LEU A 353 13.57 9.72 -9.17
CA LEU A 353 13.87 10.07 -10.55
C LEU A 353 14.00 11.59 -10.64
N ILE A 354 13.16 12.28 -9.89
CA ILE A 354 13.20 13.69 -9.85
C ILE A 354 14.47 14.17 -9.16
N ARG A 355 14.91 13.45 -8.14
CA ARG A 355 16.17 13.78 -7.52
C ARG A 355 17.23 13.78 -8.59
N ALA A 356 17.35 12.68 -9.33
CA ALA A 356 18.33 12.55 -10.39
C ALA A 356 18.30 13.77 -11.32
N ILE A 357 17.13 14.02 -11.91
CA ILE A 357 16.96 15.16 -12.81
C ILE A 357 17.77 16.37 -12.34
N THR A 358 17.93 16.48 -11.03
CA THR A 358 18.68 17.58 -10.44
C THR A 358 19.88 17.08 -9.65
N GLY A 359 20.05 15.76 -9.63
CA GLY A 359 21.16 15.15 -8.92
C GLY A 359 22.20 16.15 -8.47
N GLU A 360 22.29 16.38 -7.17
CA GLU A 360 21.42 15.68 -6.21
C GLU A 360 21.65 14.17 -6.25
N PRO A 361 22.00 13.60 -5.11
CA PRO A 361 22.25 12.17 -5.01
C PRO A 361 20.91 11.48 -4.99
N SER A 362 20.78 10.43 -5.79
CA SER A 362 19.57 9.60 -5.81
C SER A 362 19.87 8.11 -5.71
N SER A 363 18.84 7.30 -5.50
CA SER A 363 19.01 5.84 -5.58
C SER A 363 18.20 5.30 -6.74
N ILE A 364 18.71 5.45 -7.94
CA ILE A 364 17.97 5.02 -9.06
C ILE A 364 18.81 4.00 -9.79
N VAL A 365 18.22 3.33 -10.75
CA VAL A 365 19.01 2.44 -11.58
C VAL A 365 19.08 3.06 -12.95
N THR A 366 20.31 3.25 -13.43
CA THR A 366 20.56 3.96 -14.66
C THR A 366 20.80 2.92 -15.71
N PHE A 367 20.65 3.39 -16.93
CA PHE A 367 20.97 2.60 -18.08
C PHE A 367 22.35 2.01 -18.00
N LYS A 368 23.24 2.69 -17.29
CA LYS A 368 24.59 2.18 -17.20
C LYS A 368 24.57 0.92 -16.34
N ASP A 369 23.90 0.99 -15.19
CA ASP A 369 23.81 -0.16 -14.30
C ASP A 369 22.83 -1.24 -14.76
N GLY A 370 21.76 -0.82 -15.45
CA GLY A 370 20.82 -1.76 -16.02
C GLY A 370 21.45 -2.60 -17.12
N LEU A 371 22.26 -1.95 -17.94
CA LEU A 371 22.92 -2.67 -19.03
C LEU A 371 23.85 -3.68 -18.43
N ARG A 372 24.52 -3.23 -17.39
CA ARG A 372 25.44 -4.14 -16.73
C ARG A 372 24.64 -5.35 -16.16
N ILE A 373 23.47 -5.09 -15.57
CA ILE A 373 22.57 -6.13 -15.09
C ILE A 373 22.14 -7.08 -16.22
N GLU A 374 21.74 -6.49 -17.35
CA GLU A 374 21.40 -7.34 -18.46
C GLU A 374 22.56 -8.10 -19.00
N LYS A 375 23.75 -7.52 -18.94
CA LYS A 375 24.93 -8.32 -19.25
C LYS A 375 24.94 -9.64 -18.45
N SER A 376 24.72 -9.55 -17.13
CA SER A 376 24.64 -10.79 -16.30
C SER A 376 23.53 -11.76 -16.74
N VAL A 377 22.39 -11.23 -17.18
CA VAL A 377 21.35 -12.09 -17.69
C VAL A 377 21.83 -12.90 -18.89
N HIS A 378 22.43 -12.21 -19.87
CA HIS A 378 22.85 -12.89 -21.12
C HIS A 378 23.85 -13.99 -20.81
N ALA A 379 24.72 -13.67 -19.84
CA ALA A 379 25.70 -14.64 -19.32
C ALA A 379 25.07 -15.87 -18.72
N MSE A 380 23.99 -15.67 -17.97
CA MSE A 380 23.26 -16.79 -17.41
C MSE A 380 22.69 -17.71 -18.47
O MSE A 380 22.82 -18.92 -18.36
CB MSE A 380 22.21 -16.31 -16.43
CG MSE A 380 22.81 -15.64 -15.21
SE MSE A 380 21.55 -14.51 -14.16
CE MSE A 380 22.83 -13.45 -13.11
N ALA A 381 22.09 -17.16 -19.51
CA ALA A 381 21.57 -18.00 -20.57
C ALA A 381 22.72 -18.77 -21.28
N GLN A 382 23.77 -18.03 -21.60
CA GLN A 382 24.87 -18.63 -22.28
C GLN A 382 25.35 -19.72 -21.35
N SER A 383 25.51 -19.33 -20.09
CA SER A 383 25.94 -20.24 -19.11
C SER A 383 25.23 -21.58 -19.18
N PHE A 384 23.99 -21.62 -19.67
CA PHE A 384 23.18 -22.84 -19.58
C PHE A 384 23.32 -23.64 -20.83
N HIS A 385 23.29 -22.90 -21.94
CA HIS A 385 23.46 -23.54 -23.24
C HIS A 385 24.87 -24.12 -23.45
N GLU A 386 25.89 -23.42 -22.94
CA GLU A 386 27.27 -23.93 -22.97
C GLU A 386 27.62 -24.85 -21.80
N ARG A 387 26.67 -25.08 -20.88
CA ARG A 387 26.86 -25.95 -19.76
C ARG A 387 28.16 -25.75 -18.97
N ARG A 388 28.54 -24.50 -18.75
CA ARG A 388 29.81 -24.23 -18.07
C ARG A 388 29.75 -22.93 -17.23
N TRP A 389 30.59 -22.80 -16.21
CA TRP A 389 30.73 -21.49 -15.55
C TRP A 389 31.06 -20.43 -16.56
N ILE A 390 30.61 -19.21 -16.34
CA ILE A 390 30.93 -18.06 -17.20
C ILE A 390 31.25 -16.82 -16.40
N GLU A 391 32.39 -16.20 -16.67
CA GLU A 391 32.84 -15.01 -15.95
C GLU A 391 32.36 -13.76 -16.70
N ILE A 392 32.28 -12.61 -16.04
CA ILE A 392 31.67 -11.42 -16.66
C ILE A 392 32.48 -10.12 -16.43
N LYS B 24 -21.53 16.15 -12.54
CA LYS B 24 -20.83 17.37 -11.98
C LYS B 24 -19.71 17.04 -10.98
N PRO B 25 -18.43 17.37 -11.33
CA PRO B 25 -17.23 17.08 -10.57
C PRO B 25 -17.28 17.81 -9.27
N LEU B 26 -17.02 17.10 -8.18
CA LEU B 26 -17.14 17.66 -6.85
C LEU B 26 -16.00 18.63 -6.50
N GLY B 27 -16.37 19.74 -5.88
CA GLY B 27 -15.39 20.67 -5.33
C GLY B 27 -15.15 20.32 -3.89
N ILE B 28 -13.89 20.11 -3.54
CA ILE B 28 -13.62 19.56 -2.24
C ILE B 28 -13.18 20.62 -1.24
N GLY B 29 -13.66 20.46 -0.01
CA GLY B 29 -13.27 21.31 1.11
C GLY B 29 -12.78 20.47 2.25
N LEU B 30 -11.56 20.77 2.68
CA LEU B 30 -10.78 20.00 3.68
C LEU B 30 -10.28 20.88 4.83
N ILE B 31 -10.63 20.48 6.03
CA ILE B 31 -10.14 21.08 7.25
C ILE B 31 -9.28 20.04 7.96
N GLY B 32 -8.04 20.43 8.29
CA GLY B 32 -7.10 19.57 8.99
C GLY B 32 -5.93 19.26 8.09
N THR B 33 -4.70 19.43 8.60
CA THR B 33 -3.52 19.21 7.77
C THR B 33 -2.63 18.17 8.43
N GLY B 34 -3.17 17.57 9.50
CA GLY B 34 -2.46 16.50 10.21
C GLY B 34 -2.25 15.29 9.32
N TYR B 35 -1.83 14.20 9.95
CA TYR B 35 -1.46 13.01 9.20
C TYR B 35 -2.66 12.14 8.97
N MSE B 36 -3.69 12.75 8.38
CA MSE B 36 -5.04 12.22 8.32
C MSE B 36 -5.87 13.13 7.43
O MSE B 36 -6.79 12.68 6.76
CB MSE B 36 -5.67 12.18 9.71
CG MSE B 36 -7.00 11.42 9.76
SE MSE B 36 -6.81 9.56 9.16
CE MSE B 36 -5.54 8.90 10.53
N GLY B 37 -5.54 14.41 7.47
CA GLY B 37 -6.00 15.33 6.47
C GLY B 37 -5.23 14.98 5.23
N LYS B 38 -3.96 14.59 5.43
CA LYS B 38 -3.08 14.18 4.34
C LYS B 38 -3.75 13.03 3.62
N CYS B 39 -4.15 12.05 4.40
CA CYS B 39 -4.88 10.91 3.91
C CYS B 39 -6.12 11.29 3.03
N HIS B 40 -6.91 12.27 3.48
CA HIS B 40 -8.09 12.73 2.73
C HIS B 40 -7.70 13.31 1.39
N ALA B 41 -6.57 14.01 1.37
CA ALA B 41 -6.13 14.66 0.14
C ALA B 41 -5.57 13.66 -0.83
N LEU B 42 -4.73 12.76 -0.32
CA LEU B 42 -4.27 11.63 -1.09
C LEU B 42 -5.46 10.96 -1.69
N ALA B 43 -6.40 10.56 -0.85
CA ALA B 43 -7.61 9.96 -1.38
C ALA B 43 -8.22 10.81 -2.52
N TRP B 44 -8.63 12.06 -2.25
CA TRP B 44 -9.36 12.83 -3.27
C TRP B 44 -8.56 12.98 -4.55
N ASN B 45 -7.27 13.23 -4.36
CA ASN B 45 -6.38 13.30 -5.48
C ASN B 45 -6.42 12.03 -6.34
N ALA B 46 -6.61 10.88 -5.71
CA ALA B 46 -6.37 9.59 -6.41
C ALA B 46 -7.58 8.84 -6.99
N VAL B 47 -8.74 8.95 -6.33
CA VAL B 47 -9.92 8.16 -6.72
C VAL B 47 -10.17 7.97 -8.23
N LYS B 48 -10.12 9.07 -8.96
CA LYS B 48 -10.49 9.00 -10.36
C LYS B 48 -9.55 8.04 -11.06
N THR B 49 -8.27 8.31 -10.98
CA THR B 49 -7.28 7.50 -11.66
C THR B 49 -7.42 6.00 -11.29
N VAL B 50 -7.73 5.70 -10.04
CA VAL B 50 -7.80 4.34 -9.61
C VAL B 50 -9.06 3.71 -10.14
N PHE B 51 -10.21 4.29 -9.79
CA PHE B 51 -11.50 3.67 -10.13
C PHE B 51 -12.03 3.89 -11.55
N GLY B 52 -11.75 5.06 -12.14
CA GLY B 52 -12.11 5.36 -13.54
C GLY B 52 -13.52 5.88 -13.80
N ASP B 53 -14.45 5.66 -12.90
CA ASP B 53 -15.86 5.81 -13.19
C ASP B 53 -16.53 6.91 -12.32
N VAL B 54 -15.85 8.05 -12.17
CA VAL B 54 -16.39 9.21 -11.45
C VAL B 54 -15.79 10.44 -12.02
N GLU B 55 -16.28 11.59 -11.60
CA GLU B 55 -15.70 12.80 -12.13
C GLU B 55 -14.58 13.23 -11.22
N ARG B 56 -13.56 13.85 -11.79
CA ARG B 56 -12.37 14.20 -11.02
C ARG B 56 -12.63 15.27 -9.97
N PRO B 57 -12.55 14.91 -8.69
CA PRO B 57 -12.91 15.85 -7.64
C PRO B 57 -11.93 17.01 -7.63
N ARG B 58 -12.46 18.22 -7.50
CA ARG B 58 -11.65 19.44 -7.61
C ARG B 58 -11.23 19.89 -6.23
N LEU B 59 -9.96 20.22 -6.11
CA LEU B 59 -9.42 20.60 -4.81
C LEU B 59 -9.54 22.12 -4.68
N VAL B 60 -10.47 22.53 -3.81
CA VAL B 60 -10.90 23.91 -3.76
C VAL B 60 -10.36 24.64 -2.55
N HIS B 61 -10.67 24.13 -1.37
CA HIS B 61 -10.47 24.91 -0.19
C HIS B 61 -9.83 24.10 0.93
N LEU B 62 -8.75 24.64 1.48
CA LEU B 62 -8.02 24.03 2.60
C LEU B 62 -7.93 24.95 3.82
N ALA B 63 -8.15 24.38 5.00
CA ALA B 63 -8.21 25.11 6.27
C ALA B 63 -7.18 24.68 7.30
N GLU B 64 -6.52 25.65 7.92
CA GLU B 64 -5.69 25.33 9.08
C GLU B 64 -5.95 26.23 10.30
N ALA B 67 -3.71 27.60 12.74
CA ALA B 67 -2.37 28.18 12.61
C ALA B 67 -2.16 28.96 11.29
N GLY B 68 -0.92 29.05 10.81
CA GLY B 68 -0.59 29.88 9.64
C GLY B 68 -0.07 29.11 8.44
N LEU B 69 0.16 27.81 8.64
CA LEU B 69 0.74 26.89 7.63
C LEU B 69 -0.07 26.75 6.33
N ALA B 70 -1.41 26.79 6.44
CA ALA B 70 -2.36 26.73 5.30
C ALA B 70 -1.78 26.91 3.88
N GLU B 71 -1.30 28.12 3.60
CA GLU B 71 -0.73 28.50 2.30
C GLU B 71 0.18 27.43 1.69
N ALA B 72 1.15 26.96 2.48
CA ALA B 72 2.13 25.94 2.06
C ALA B 72 1.48 24.58 1.94
N ARG B 73 0.67 24.23 2.94
CA ARG B 73 -0.02 22.97 2.97
C ARG B 73 -0.79 22.76 1.67
N ALA B 74 -1.60 23.73 1.29
CA ALA B 74 -2.34 23.68 0.03
C ALA B 74 -1.42 23.56 -1.18
N GLY B 75 -0.26 24.21 -1.12
CA GLY B 75 0.77 24.03 -2.12
C GLY B 75 1.05 22.55 -2.30
N GLU B 76 1.21 21.85 -1.18
CA GLU B 76 1.52 20.41 -1.13
C GLU B 76 0.37 19.52 -1.60
N PHE B 77 -0.80 19.74 -1.01
CA PHE B 77 -1.96 18.92 -1.27
C PHE B 77 -2.71 19.37 -2.51
N GLY B 78 -2.04 20.09 -3.41
CA GLY B 78 -2.64 20.65 -4.63
C GLY B 78 -4.04 21.29 -4.54
N PHE B 79 -4.25 22.14 -3.54
CA PHE B 79 -5.50 22.92 -3.41
C PHE B 79 -5.42 24.34 -4.02
N GLU B 80 -6.60 24.95 -4.24
CA GLU B 80 -6.71 26.25 -4.91
C GLU B 80 -6.54 27.45 -3.97
N LYS B 81 -7.31 27.42 -2.88
CA LYS B 81 -7.43 28.53 -1.94
C LYS B 81 -7.10 28.09 -0.52
N ALA B 82 -6.12 28.75 0.10
CA ALA B 82 -5.80 28.49 1.51
C ALA B 82 -6.33 29.60 2.44
N THR B 83 -6.92 29.21 3.57
CA THR B 83 -7.40 30.16 4.59
C THR B 83 -7.35 29.57 6.00
N ALA B 84 -7.22 30.44 7.01
CA ALA B 84 -7.21 30.01 8.42
C ALA B 84 -8.61 30.10 9.02
N ASP B 85 -9.51 30.69 8.26
CA ASP B 85 -10.90 30.78 8.64
C ASP B 85 -11.53 29.50 8.16
N TRP B 86 -12.20 28.80 9.06
CA TRP B 86 -12.83 27.57 8.66
C TRP B 86 -14.32 27.68 8.39
N ARG B 87 -14.87 28.87 8.61
CA ARG B 87 -16.25 29.13 8.28
C ARG B 87 -16.31 29.69 6.86
N ALA B 88 -15.26 30.46 6.52
CA ALA B 88 -15.06 30.94 5.17
C ALA B 88 -15.11 29.75 4.23
N LEU B 89 -14.74 28.58 4.76
CA LEU B 89 -14.75 27.31 4.02
C LEU B 89 -16.17 26.83 3.79
N ILE B 90 -16.86 26.55 4.88
CA ILE B 90 -18.28 26.25 4.87
C ILE B 90 -19.09 27.29 4.10
N ALA B 91 -18.47 28.44 3.83
CA ALA B 91 -19.09 29.48 3.01
C ALA B 91 -18.92 29.19 1.53
N ASP B 92 -17.66 29.18 1.07
CA ASP B 92 -17.31 29.06 -0.35
C ASP B 92 -18.35 28.26 -1.13
N PRO B 93 -19.13 28.95 -2.00
CA PRO B 93 -20.24 28.28 -2.71
C PRO B 93 -19.73 27.12 -3.58
N GLU B 94 -18.43 27.13 -3.86
CA GLU B 94 -17.81 26.18 -4.77
C GLU B 94 -17.44 24.85 -4.06
N VAL B 95 -17.64 24.78 -2.76
CA VAL B 95 -17.35 23.60 -1.96
C VAL B 95 -18.61 22.78 -1.78
N ASP B 96 -18.52 21.48 -2.04
CA ASP B 96 -19.66 20.55 -1.99
C ASP B 96 -19.50 19.52 -0.90
N VAL B 97 -18.25 19.12 -0.65
CA VAL B 97 -17.93 18.11 0.35
C VAL B 97 -17.01 18.73 1.36
N VAL B 98 -17.28 18.44 2.62
CA VAL B 98 -16.41 18.90 3.68
C VAL B 98 -15.75 17.70 4.35
N SER B 99 -14.42 17.67 4.28
CA SER B 99 -13.58 16.67 4.98
C SER B 99 -13.15 17.17 6.33
N VAL B 100 -13.70 16.55 7.36
CA VAL B 100 -13.40 17.01 8.71
C VAL B 100 -12.36 16.10 9.36
N THR B 101 -11.14 16.60 9.45
CA THR B 101 -10.01 15.83 9.95
C THR B 101 -9.21 16.54 11.06
N THR B 102 -9.88 16.86 12.16
CA THR B 102 -9.27 17.65 13.24
C THR B 102 -9.36 16.98 14.61
N PRO B 103 -8.81 17.62 15.67
CA PRO B 103 -9.01 17.06 17.03
C PRO B 103 -10.48 16.73 17.36
N ASN B 104 -10.70 15.68 18.15
CA ASN B 104 -12.04 15.12 18.39
C ASN B 104 -13.11 16.09 18.87
N GLN B 105 -12.66 17.20 19.47
CA GLN B 105 -13.57 18.13 20.18
C GLN B 105 -14.33 18.95 19.16
N PHE B 106 -13.62 19.40 18.13
CA PHE B 106 -14.16 20.33 17.15
C PHE B 106 -15.05 19.59 16.13
N HIS B 107 -15.17 18.25 16.22
CA HIS B 107 -15.82 17.47 15.16
C HIS B 107 -17.27 17.89 15.01
N ALA B 108 -18.04 17.66 16.06
CA ALA B 108 -19.45 18.07 16.15
C ALA B 108 -19.75 19.46 15.54
N GLU B 109 -19.37 20.53 16.24
CA GLU B 109 -19.62 21.88 15.75
C GLU B 109 -19.39 21.97 14.21
N MSE B 110 -18.27 21.45 13.73
CA MSE B 110 -17.87 21.56 12.31
C MSE B 110 -18.71 20.76 11.30
O MSE B 110 -18.98 21.23 10.19
CB MSE B 110 -16.42 21.19 12.13
CG MSE B 110 -15.49 22.30 12.48
SE MSE B 110 -13.67 21.65 12.41
CE MSE B 110 -12.69 23.36 12.54
N ALA B 111 -19.08 19.53 11.69
CA ALA B 111 -19.95 18.71 10.85
C ALA B 111 -21.31 19.37 10.68
N ILE B 112 -21.79 19.95 11.77
CA ILE B 112 -23.10 20.58 11.85
C ILE B 112 -23.16 21.86 10.99
N ALA B 113 -22.14 22.69 11.13
CA ALA B 113 -22.07 23.92 10.35
C ALA B 113 -21.93 23.64 8.86
N ALA B 114 -21.47 22.43 8.54
CA ALA B 114 -21.37 22.04 7.14
C ALA B 114 -22.68 21.42 6.68
N LEU B 115 -23.24 20.54 7.50
CA LEU B 115 -24.52 19.92 7.21
C LEU B 115 -25.65 20.93 7.05
N GLU B 116 -25.80 21.77 8.07
CA GLU B 116 -26.80 22.83 8.01
C GLU B 116 -26.53 23.76 6.82
N ALA B 117 -25.26 24.06 6.53
CA ALA B 117 -24.97 24.92 5.38
C ALA B 117 -25.04 24.18 4.05
N GLY B 118 -25.69 23.01 4.05
CA GLY B 118 -25.93 22.20 2.81
C GLY B 118 -24.75 21.54 2.09
N LYS B 119 -23.72 21.14 2.85
CA LYS B 119 -22.51 20.49 2.30
C LYS B 119 -22.41 18.99 2.70
N HIS B 120 -21.85 18.16 1.85
CA HIS B 120 -21.72 16.75 2.22
C HIS B 120 -20.61 16.60 3.23
N VAL B 121 -20.76 15.65 4.14
CA VAL B 121 -19.71 15.45 5.14
C VAL B 121 -19.00 14.11 5.16
N TRP B 122 -17.67 14.18 5.06
CA TRP B 122 -16.77 13.03 5.28
C TRP B 122 -15.98 13.34 6.52
N CYS B 123 -16.37 12.70 7.61
CA CYS B 123 -15.83 13.01 8.92
C CYS B 123 -15.11 11.85 9.60
N GLU B 124 -13.92 12.16 10.11
CA GLU B 124 -13.16 11.23 10.95
C GLU B 124 -13.86 10.85 12.24
N LYS B 125 -13.67 9.63 12.71
CA LYS B 125 -14.23 9.23 13.99
C LYS B 125 -13.46 9.94 15.13
N PRO B 126 -14.07 10.02 16.34
CA PRO B 126 -15.45 9.61 16.69
C PRO B 126 -16.40 10.76 16.34
N MSE B 127 -17.71 10.52 16.39
CA MSE B 127 -18.65 11.61 16.11
C MSE B 127 -18.36 12.66 17.17
O MSE B 127 -17.97 13.78 16.83
CB MSE B 127 -20.10 11.15 16.13
CG MSE B 127 -20.63 10.67 14.78
SE MSE B 127 -22.01 9.30 15.05
CE MSE B 127 -23.61 10.32 14.59
N ALA B 128 -18.48 12.28 18.44
CA ALA B 128 -18.00 13.11 19.55
C ALA B 128 -18.05 12.42 20.91
N PRO B 129 -17.28 12.98 21.88
CA PRO B 129 -17.00 12.32 23.15
C PRO B 129 -18.24 11.91 23.96
N ALA B 130 -19.37 12.56 23.70
CA ALA B 130 -20.58 12.39 24.51
C ALA B 130 -21.80 12.10 23.64
N TYR B 131 -22.61 11.16 24.09
CA TYR B 131 -23.67 10.61 23.29
C TYR B 131 -24.59 11.64 22.60
N ALA B 132 -24.82 12.76 23.28
CA ALA B 132 -25.86 13.75 22.90
C ALA B 132 -25.38 14.80 21.89
N ASP B 133 -24.09 15.12 21.92
CA ASP B 133 -23.53 15.93 20.85
C ASP B 133 -23.57 15.11 19.57
N ALA B 134 -23.49 13.79 19.70
CA ALA B 134 -23.57 12.90 18.55
C ALA B 134 -25.01 12.77 18.05
N GLU B 135 -25.92 12.37 18.95
CA GLU B 135 -27.39 12.40 18.75
C GLU B 135 -27.85 13.66 18.01
N ARG B 136 -27.23 14.78 18.35
CA ARG B 136 -27.46 16.06 17.69
C ARG B 136 -27.00 15.93 16.25
N MSE B 137 -25.73 15.56 16.09
CA MSE B 137 -25.08 15.45 14.78
C MSE B 137 -25.96 14.65 13.81
O MSE B 137 -26.22 15.10 12.70
CB MSE B 137 -23.71 14.78 14.93
CG MSE B 137 -22.63 15.72 15.40
SE MSE B 137 -20.88 14.84 15.70
CE MSE B 137 -20.45 14.36 13.85
N LEU B 138 -26.41 13.50 14.29
CA LEU B 138 -27.37 12.68 13.57
C LEU B 138 -28.52 13.52 13.02
N ALA B 139 -29.39 13.99 13.91
CA ALA B 139 -30.57 14.76 13.53
C ALA B 139 -30.25 15.95 12.64
N THR B 140 -29.17 16.65 12.94
CA THR B 140 -28.72 17.74 12.07
C THR B 140 -28.61 17.32 10.61
N ALA B 141 -28.14 16.08 10.39
CA ALA B 141 -27.80 15.60 9.03
C ALA B 141 -28.95 14.86 8.41
N GLU B 142 -29.62 14.09 9.25
CA GLU B 142 -30.84 13.36 8.96
C GLU B 142 -31.92 14.35 8.48
N ARG B 143 -31.94 15.56 9.05
CA ARG B 143 -32.88 16.62 8.64
C ARG B 143 -32.33 17.38 7.44
N SER B 144 -31.01 17.56 7.40
CA SER B 144 -30.35 18.20 6.25
C SER B 144 -30.57 17.34 5.01
N GLY B 145 -30.27 17.87 3.83
CA GLY B 145 -30.31 17.04 2.61
C GLY B 145 -29.20 15.97 2.51
N LYS B 146 -27.99 16.39 2.87
CA LYS B 146 -26.74 15.73 2.51
C LYS B 146 -26.42 14.27 2.95
N VAL B 147 -25.25 13.81 2.51
CA VAL B 147 -24.63 12.56 2.94
C VAL B 147 -23.53 12.90 3.93
N ALA B 148 -23.48 12.09 5.00
CA ALA B 148 -22.43 12.15 6.04
C ALA B 148 -21.79 10.80 6.24
N ALA B 149 -20.47 10.75 6.15
CA ALA B 149 -19.73 9.50 6.31
C ALA B 149 -18.69 9.65 7.39
N LEU B 150 -18.50 8.56 8.13
CA LEU B 150 -17.44 8.47 9.11
C LEU B 150 -16.29 7.71 8.50
N GLY B 151 -15.07 8.00 8.95
CA GLY B 151 -13.90 7.28 8.45
C GLY B 151 -13.57 5.98 9.17
N TYR B 152 -14.51 5.04 9.22
CA TYR B 152 -14.17 3.66 9.57
C TYR B 152 -13.59 2.91 8.38
N ASN B 153 -12.30 3.07 8.14
CA ASN B 153 -11.70 2.55 6.89
C ASN B 153 -11.28 1.08 6.81
N TYR B 154 -11.03 0.45 7.93
CA TYR B 154 -10.64 -0.93 7.92
C TYR B 154 -11.67 -1.82 7.27
N ILE B 155 -12.88 -1.32 7.29
CA ILE B 155 -14.03 -1.86 6.63
C ILE B 155 -13.82 -2.10 5.14
N GLN B 156 -12.95 -1.29 4.53
CA GLN B 156 -12.93 -1.18 3.09
C GLN B 156 -11.93 -2.08 2.39
N ASN B 157 -11.24 -2.91 3.14
CA ASN B 157 -10.26 -3.85 2.65
C ASN B 157 -10.90 -4.87 1.70
N PRO B 158 -10.35 -5.00 0.50
CA PRO B 158 -10.79 -6.11 -0.36
C PRO B 158 -10.87 -7.43 0.42
N VAL B 159 -9.94 -7.63 1.37
CA VAL B 159 -9.93 -8.84 2.16
C VAL B 159 -11.19 -8.89 3.02
N MSE B 160 -11.55 -7.75 3.58
CA MSE B 160 -12.66 -7.67 4.53
C MSE B 160 -13.98 -7.85 3.79
O MSE B 160 -14.85 -8.62 4.21
CB MSE B 160 -12.61 -6.34 5.26
CG MSE B 160 -13.34 -6.33 6.57
SE MSE B 160 -12.78 -7.81 7.73
CE MSE B 160 -10.92 -7.20 7.92
N ARG B 161 -14.09 -7.16 2.66
CA ARG B 161 -15.17 -7.36 1.74
C ARG B 161 -15.29 -8.83 1.35
N HIS B 162 -14.18 -9.53 1.28
CA HIS B 162 -14.26 -10.88 0.81
C HIS B 162 -14.66 -11.84 1.91
N ILE B 163 -14.24 -11.56 3.14
CA ILE B 163 -14.65 -12.34 4.29
C ILE B 163 -16.18 -12.21 4.47
N ARG B 164 -16.70 -11.00 4.26
CA ARG B 164 -18.14 -10.80 4.27
C ARG B 164 -18.82 -11.75 3.27
N LYS B 165 -18.33 -11.78 2.05
CA LYS B 165 -18.95 -12.66 1.12
C LYS B 165 -18.87 -14.09 1.56
N LEU B 166 -17.73 -14.52 2.05
CA LEU B 166 -17.67 -15.96 2.34
C LEU B 166 -18.60 -16.33 3.49
N VAL B 167 -18.66 -15.46 4.49
CA VAL B 167 -19.55 -15.66 5.62
C VAL B 167 -20.99 -15.81 5.12
N GLY B 168 -21.53 -14.73 4.49
CA GLY B 168 -22.69 -14.75 3.56
C GLY B 168 -22.93 -16.06 2.82
N ASP B 169 -21.97 -16.56 2.04
CA ASP B 169 -22.21 -17.78 1.27
C ASP B 169 -22.29 -19.04 2.08
N GLY B 170 -22.20 -18.92 3.40
CA GLY B 170 -22.22 -20.12 4.21
C GLY B 170 -20.98 -20.98 4.11
N VAL B 171 -19.86 -20.40 3.66
CA VAL B 171 -18.65 -21.19 3.56
C VAL B 171 -18.21 -21.79 4.92
N ILE B 172 -18.32 -21.02 6.01
CA ILE B 172 -17.97 -21.51 7.36
C ILE B 172 -19.15 -22.03 8.21
N GLY B 173 -20.36 -22.06 7.62
CA GLY B 173 -21.61 -22.39 8.36
C GLY B 173 -22.15 -21.22 9.17
N ARG B 174 -22.85 -21.52 10.26
CA ARG B 174 -23.43 -20.49 11.10
C ARG B 174 -22.39 -20.04 12.12
N VAL B 175 -22.25 -18.74 12.24
CA VAL B 175 -21.21 -18.16 13.09
C VAL B 175 -21.71 -18.05 14.52
N ASN B 176 -21.01 -18.68 15.45
CA ASN B 176 -21.32 -18.59 16.87
C ASN B 176 -20.38 -17.71 17.69
N HIS B 177 -19.07 -17.81 17.47
CA HIS B 177 -18.09 -17.09 18.28
C HIS B 177 -17.19 -16.14 17.48
N VAL B 178 -16.82 -14.99 18.04
CA VAL B 178 -15.90 -14.04 17.38
C VAL B 178 -14.94 -13.26 18.30
N ARG B 179 -13.62 -13.29 18.09
CA ARG B 179 -12.66 -12.49 18.87
C ARG B 179 -12.09 -11.38 18.02
N VAL B 180 -11.85 -10.21 18.60
CA VAL B 180 -11.25 -9.08 17.87
C VAL B 180 -10.35 -8.35 18.84
N GLU B 181 -9.12 -8.06 18.42
CA GLU B 181 -8.11 -7.45 19.26
C GLU B 181 -7.63 -6.27 18.44
N MSE B 182 -7.63 -5.07 19.00
CA MSE B 182 -6.91 -4.02 18.36
C MSE B 182 -5.85 -3.54 19.32
O MSE B 182 -6.19 -3.14 20.43
CB MSE B 182 -7.80 -2.86 17.98
CG MSE B 182 -6.98 -1.69 17.58
SE MSE B 182 -7.92 -0.46 16.43
CE MSE B 182 -6.61 1.02 16.20
N ASP B 183 -4.58 -3.60 18.90
CA ASP B 183 -3.44 -3.22 19.73
C ASP B 183 -2.43 -2.32 19.02
N GLU B 184 -2.00 -1.31 19.73
CA GLU B 184 -0.82 -0.56 19.38
C GLU B 184 -0.04 -0.42 20.68
N ASP B 185 1.08 0.31 20.61
CA ASP B 185 1.96 0.46 21.77
C ASP B 185 2.46 1.91 21.93
N PHE B 186 1.76 2.86 21.31
CA PHE B 186 2.15 4.27 21.43
C PHE B 186 1.89 4.89 22.83
N MSE B 187 1.15 4.22 23.70
CA MSE B 187 1.06 4.60 25.11
C MSE B 187 1.83 3.60 25.94
O MSE B 187 1.45 3.33 27.07
CB MSE B 187 -0.40 4.54 25.61
CG MSE B 187 -1.34 5.49 24.96
SE MSE B 187 -0.87 7.40 25.24
CE MSE B 187 -0.04 7.90 23.54
N ALA B 188 2.87 2.98 25.39
CA ALA B 188 3.43 1.85 26.11
C ALA B 188 4.55 2.29 27.03
N ASP B 189 5.28 3.31 26.60
CA ASP B 189 6.41 3.77 27.38
C ASP B 189 5.88 4.59 28.56
N PRO B 190 6.08 4.10 29.79
CA PRO B 190 5.45 4.84 30.89
C PRO B 190 6.06 6.27 31.11
N ASP B 191 7.25 6.53 30.57
CA ASP B 191 7.96 7.74 30.88
C ASP B 191 7.78 8.81 29.81
N ILE B 192 6.75 8.65 28.96
CA ILE B 192 6.39 9.69 27.98
C ILE B 192 5.52 10.75 28.66
N PHE B 193 5.86 12.03 28.49
CA PHE B 193 5.08 13.14 29.09
C PHE B 193 3.58 13.07 28.82
N PHE B 194 2.82 13.00 29.92
CA PHE B 194 1.36 13.27 29.98
C PHE B 194 0.85 14.25 28.92
N TYR B 195 -0.12 13.80 28.13
CA TYR B 195 -0.82 14.71 27.23
C TYR B 195 -2.28 14.34 27.08
N TRP B 196 -2.95 14.92 26.07
CA TRP B 196 -4.40 14.95 26.02
C TRP B 196 -5.05 13.56 25.92
N LYS B 197 -4.32 12.69 25.23
CA LYS B 197 -4.60 11.24 25.24
C LYS B 197 -4.84 10.66 26.66
N SER B 198 -4.34 11.33 27.70
CA SER B 198 -4.43 10.79 29.02
C SER B 198 -5.57 11.42 29.89
N GLU B 199 -6.31 12.41 29.36
CA GLU B 199 -7.42 13.04 30.11
C GLU B 199 -8.79 12.40 29.88
N LEU B 200 -9.52 12.05 30.94
CA LEU B 200 -10.91 11.58 30.81
C LEU B 200 -11.80 12.59 30.10
N SER B 201 -11.50 13.86 30.34
CA SER B 201 -12.05 15.00 29.60
C SER B 201 -12.25 14.63 28.13
N ALA B 202 -11.18 14.13 27.52
CA ALA B 202 -11.06 14.02 26.06
C ALA B 202 -11.31 12.62 25.49
N GLY B 203 -11.66 11.66 26.34
CA GLY B 203 -12.16 10.36 25.88
C GLY B 203 -11.89 9.29 26.91
N TYR B 204 -12.57 8.15 26.82
CA TYR B 204 -12.31 7.06 27.74
C TYR B 204 -10.90 6.44 27.58
N GLY B 205 -10.23 6.77 26.47
CA GLY B 205 -8.94 6.16 26.10
C GLY B 205 -9.00 4.99 25.10
N ALA B 206 -8.88 3.77 25.59
CA ALA B 206 -8.83 2.63 24.69
C ALA B 206 -10.20 2.42 24.02
N LEU B 207 -11.26 2.63 24.78
CA LEU B 207 -12.61 2.50 24.25
C LEU B 207 -12.93 3.40 23.06
N ASP B 208 -12.77 4.70 23.16
CA ASP B 208 -13.27 5.48 22.03
C ASP B 208 -12.24 5.54 20.96
N ASP B 209 -10.99 5.49 21.37
CA ASP B 209 -9.88 5.66 20.46
C ASP B 209 -9.74 4.41 19.56
N PHE B 210 -9.88 3.24 20.18
CA PHE B 210 -9.65 1.96 19.51
C PHE B 210 -10.86 1.07 19.31
N ALA B 211 -11.66 0.80 20.34
CA ALA B 211 -12.71 -0.23 20.18
C ALA B 211 -13.68 0.08 19.05
N VAL B 212 -13.78 1.34 18.68
CA VAL B 212 -14.70 1.67 17.64
C VAL B 212 -14.43 0.94 16.32
N HIS B 213 -13.16 0.82 15.95
CA HIS B 213 -12.79 0.16 14.70
C HIS B 213 -13.23 -1.27 14.69
N PRO B 214 -12.84 -2.04 15.70
CA PRO B 214 -13.37 -3.40 15.73
C PRO B 214 -14.90 -3.42 15.67
N LEU B 215 -15.55 -2.39 16.21
CA LEU B 215 -17.02 -2.32 16.15
C LEU B 215 -17.56 -2.15 14.73
N SER B 216 -17.01 -1.19 13.99
CA SER B 216 -17.37 -1.09 12.57
C SER B 216 -17.12 -2.41 11.82
N LEU B 217 -16.03 -3.10 12.19
CA LEU B 217 -15.75 -4.38 11.57
C LEU B 217 -16.85 -5.36 11.86
N LEU B 218 -17.23 -5.47 13.13
CA LEU B 218 -18.28 -6.38 13.55
C LEU B 218 -19.64 -5.92 13.02
N TRP B 219 -19.79 -4.60 12.90
CA TRP B 219 -21.00 -4.10 12.31
C TRP B 219 -21.06 -4.49 10.83
N TYR B 220 -19.90 -4.60 10.19
CA TYR B 220 -19.87 -4.78 8.77
C TYR B 220 -20.17 -6.22 8.35
N LEU B 221 -19.82 -7.15 9.21
CA LEU B 221 -19.99 -8.52 8.92
C LEU B 221 -21.19 -9.09 9.63
N PHE B 222 -21.59 -8.44 10.72
CA PHE B 222 -22.46 -9.14 11.63
C PHE B 222 -23.64 -8.31 12.09
N GLY B 223 -23.36 -7.15 12.70
CA GLY B 223 -24.39 -6.19 13.14
C GLY B 223 -23.93 -5.41 14.35
N HIS B 224 -24.88 -4.82 15.08
CA HIS B 224 -24.55 -4.02 16.27
C HIS B 224 -24.52 -4.83 17.55
N VAL B 225 -23.87 -4.29 18.58
CA VAL B 225 -23.69 -5.04 19.82
C VAL B 225 -24.92 -4.93 20.69
N GLU B 226 -25.34 -6.06 21.25
CA GLU B 226 -26.53 -6.10 22.11
C GLU B 226 -26.25 -6.00 23.61
N ALA B 227 -25.35 -6.84 24.10
CA ALA B 227 -25.01 -6.82 25.52
C ALA B 227 -23.49 -6.74 25.78
N VAL B 228 -23.05 -5.78 26.60
CA VAL B 228 -21.64 -5.67 26.92
C VAL B 228 -21.33 -6.01 28.39
N ILE B 229 -20.05 -5.93 28.72
CA ILE B 229 -19.49 -6.03 30.09
C ILE B 229 -18.00 -5.91 29.91
N THR B 230 -17.43 -4.91 30.55
CA THR B 230 -16.08 -4.43 30.27
C THR B 230 -15.17 -4.62 31.47
N ASP B 231 -13.91 -4.96 31.27
CA ASP B 231 -12.92 -4.69 32.33
C ASP B 231 -11.98 -3.64 31.77
N MSE B 232 -11.51 -2.72 32.60
CA MSE B 232 -10.61 -1.72 32.07
C MSE B 232 -9.30 -1.71 32.80
O MSE B 232 -9.20 -2.22 33.91
CB MSE B 232 -11.26 -0.34 32.00
CG MSE B 232 -12.11 -0.26 30.77
SE MSE B 232 -12.95 1.46 30.50
CE MSE B 232 -11.80 2.28 29.12
N VAL B 233 -8.27 -1.19 32.13
CA VAL B 233 -6.94 -1.28 32.69
C VAL B 233 -6.25 0.05 32.63
N LYS B 234 -5.68 0.45 33.77
CA LYS B 234 -4.81 1.60 33.88
C LYS B 234 -3.44 1.05 34.24
N PRO B 235 -2.61 0.89 33.22
CA PRO B 235 -1.29 0.29 33.44
C PRO B 235 -0.38 1.18 34.29
N TYR B 236 -0.36 2.46 34.01
CA TYR B 236 0.51 3.33 34.78
C TYR B 236 -0.32 4.41 35.49
N PRO B 237 -0.36 4.39 36.85
CA PRO B 237 -1.16 5.31 37.68
C PRO B 237 -0.96 6.81 37.34
N ASP B 238 0.25 7.20 36.91
CA ASP B 238 0.49 8.56 36.42
C ASP B 238 1.59 8.68 35.34
N ARG B 239 1.97 9.90 35.00
CA ARG B 239 3.05 10.20 34.03
C ARG B 239 3.78 11.50 34.40
N PRO B 240 5.06 11.64 34.01
CA PRO B 240 5.70 12.92 34.25
C PRO B 240 5.08 14.07 33.43
N LEU B 241 5.24 15.31 33.91
CA LEU B 241 4.71 16.49 33.22
C LEU B 241 5.81 17.16 32.42
N SER B 242 5.46 17.68 31.25
CA SER B 242 6.45 18.27 30.34
C SER B 242 7.28 19.41 30.96
N GLU B 243 6.63 20.29 31.73
CA GLU B 243 7.34 21.28 32.54
C GLU B 243 7.29 20.89 34.06
N GLY B 244 8.02 19.82 34.41
CA GLY B 244 8.25 19.36 35.79
C GLY B 244 7.08 18.71 36.50
N GLY B 245 7.37 17.72 37.34
CA GLY B 245 6.34 17.06 38.15
C GLY B 245 5.60 15.93 37.48
N ARG B 246 4.30 15.81 37.77
CA ARG B 246 3.51 14.59 37.55
C ARG B 246 1.95 14.78 37.66
N ARG B 247 1.17 14.43 36.62
CA ARG B 247 -0.29 14.26 36.83
C ARG B 247 -0.75 12.80 36.77
N ALA B 248 -1.76 12.45 37.59
CA ALA B 248 -2.45 11.17 37.46
C ALA B 248 -3.09 10.95 36.08
N VAL B 249 -3.29 9.69 35.71
CA VAL B 249 -3.92 9.39 34.43
C VAL B 249 -5.37 9.08 34.72
N GLU B 250 -6.25 9.78 34.04
CA GLU B 250 -7.67 9.76 34.35
C GLU B 250 -8.32 8.64 33.54
N ASN B 251 -7.62 8.27 32.49
CA ASN B 251 -8.03 7.33 31.46
C ASN B 251 -7.86 5.86 31.73
N HIS B 252 -8.08 5.09 30.67
CA HIS B 252 -7.79 3.66 30.60
C HIS B 252 -7.27 3.23 29.19
N ASP B 253 -5.99 2.80 29.16
CA ASP B 253 -5.30 2.39 27.92
C ASP B 253 -5.55 0.94 27.45
N ALA B 254 -6.36 0.19 28.19
CA ALA B 254 -6.79 -1.16 27.79
C ALA B 254 -8.21 -1.52 28.25
N ALA B 255 -9.04 -1.99 27.32
CA ALA B 255 -10.33 -2.58 27.68
C ALA B 255 -10.50 -3.94 27.09
N ASN B 256 -11.18 -4.81 27.83
CA ASN B 256 -11.54 -6.14 27.39
C ASN B 256 -13.03 -6.34 27.63
N VAL B 257 -13.75 -6.73 26.60
CA VAL B 257 -15.19 -6.67 26.64
C VAL B 257 -15.79 -7.97 26.18
N LEU B 258 -16.60 -8.66 27.00
CA LEU B 258 -17.47 -9.75 26.52
C LEU B 258 -18.76 -9.16 25.89
N MSE B 259 -19.30 -9.80 24.85
CA MSE B 259 -20.41 -9.20 24.08
C MSE B 259 -21.33 -10.17 23.48
O MSE B 259 -20.95 -11.31 23.28
CB MSE B 259 -19.88 -8.34 22.97
CG MSE B 259 -18.99 -7.27 23.48
SE MSE B 259 -18.28 -6.22 22.05
CE MSE B 259 -17.86 -7.69 20.79
N ARG B 260 -22.57 -9.72 23.21
CA ARG B 260 -23.54 -10.39 22.33
C ARG B 260 -23.94 -9.46 21.20
N LEU B 261 -24.14 -10.04 20.01
CA LEU B 261 -24.59 -9.28 18.82
C LEU B 261 -25.85 -9.88 18.25
N ASP B 262 -26.38 -9.23 17.23
CA ASP B 262 -27.49 -9.71 16.41
C ASP B 262 -27.60 -11.23 16.16
N GLY B 263 -28.44 -11.88 16.96
CA GLY B 263 -28.68 -13.31 16.82
C GLY B 263 -27.70 -14.07 17.71
N GLY B 264 -27.31 -13.42 18.81
CA GLY B 264 -26.46 -14.04 19.84
C GLY B 264 -25.12 -14.61 19.41
N ILE B 265 -24.46 -13.91 18.51
CA ILE B 265 -23.10 -14.24 18.25
C ILE B 265 -22.43 -13.72 19.50
N SER B 266 -21.79 -14.66 20.16
CA SER B 266 -20.96 -14.40 21.28
C SER B 266 -19.58 -13.90 20.87
N ALA B 267 -19.23 -12.67 21.21
CA ALA B 267 -17.93 -12.13 20.85
C ALA B 267 -17.12 -11.71 22.06
N VAL B 268 -15.81 -11.49 21.87
CA VAL B 268 -14.90 -10.90 22.86
C VAL B 268 -14.15 -9.81 22.15
N LEU B 269 -13.89 -8.66 22.79
CA LEU B 269 -13.12 -7.61 22.15
C LEU B 269 -12.03 -7.02 23.05
N MSE B 270 -10.81 -6.84 22.55
CA MSE B 270 -9.70 -6.40 23.38
C MSE B 270 -9.12 -5.17 22.76
O MSE B 270 -8.91 -5.17 21.57
CB MSE B 270 -8.64 -7.47 23.45
CG MSE B 270 -9.09 -8.55 24.35
SE MSE B 270 -8.76 -10.43 23.90
CE MSE B 270 -9.82 -10.59 22.22
N ALA B 271 -8.93 -4.12 23.52
CA ALA B 271 -8.26 -2.94 22.99
C ALA B 271 -7.17 -2.53 23.98
N ASN B 272 -6.06 -2.01 23.47
CA ASN B 272 -4.92 -1.83 24.30
C ASN B 272 -3.92 -0.97 23.57
N ARG B 273 -3.63 0.21 24.10
CA ARG B 273 -2.67 1.10 23.47
C ARG B 273 -1.30 1.00 24.10
N ALA B 274 -1.18 0.11 25.08
CA ALA B 274 0.05 -0.06 25.84
C ALA B 274 0.57 -1.48 25.64
N ALA B 275 0.51 -1.95 24.39
CA ALA B 275 0.90 -3.35 24.13
C ALA B 275 2.18 -3.38 23.35
N TRP B 276 3.30 -3.53 24.04
CA TRP B 276 4.59 -3.36 23.39
C TRP B 276 4.72 -4.30 22.20
N GLY B 277 5.22 -3.80 21.08
CA GLY B 277 5.43 -4.65 19.93
C GLY B 277 4.28 -4.70 18.93
N ARG B 278 3.07 -4.54 19.43
CA ARG B 278 1.91 -4.41 18.56
C ARG B 278 1.92 -3.03 17.92
N LYS B 279 2.08 -2.98 16.61
CA LYS B 279 2.24 -1.72 15.89
C LYS B 279 0.96 -1.20 15.22
N GLY B 280 0.16 -2.11 14.63
CA GLY B 280 -1.00 -1.72 13.82
C GLY B 280 -1.90 -2.95 13.74
N ARG B 281 -2.11 -3.57 14.89
CA ARG B 281 -2.64 -4.90 14.92
C ARG B 281 -4.14 -4.83 15.12
N ILE B 282 -4.88 -5.38 14.17
CA ILE B 282 -6.27 -5.71 14.41
C ILE B 282 -6.38 -7.18 14.07
N ALA B 283 -6.65 -8.03 15.06
CA ALA B 283 -6.74 -9.49 14.88
C ALA B 283 -8.18 -9.98 15.12
N LEU B 284 -8.73 -10.70 14.15
CA LEU B 284 -10.10 -11.06 14.12
C LEU B 284 -10.11 -12.57 13.97
N GLN B 285 -10.80 -13.31 14.85
CA GLN B 285 -10.98 -14.71 14.56
C GLN B 285 -12.47 -14.92 14.50
N ILE B 286 -12.97 -15.70 13.55
CA ILE B 286 -14.41 -15.97 13.41
C ILE B 286 -14.60 -17.47 13.31
N TYR B 287 -15.53 -18.03 14.08
CA TYR B 287 -15.76 -19.47 14.15
C TYR B 287 -17.20 -19.82 13.89
N GLY B 288 -17.43 -20.82 13.04
CA GLY B 288 -18.77 -21.20 12.64
C GLY B 288 -18.90 -22.69 12.66
N SER B 289 -20.07 -23.20 12.28
CA SER B 289 -20.33 -24.65 12.35
C SER B 289 -19.60 -25.44 11.27
N LYS B 290 -19.20 -24.77 10.19
CA LYS B 290 -18.41 -25.49 9.18
C LYS B 290 -16.94 -25.00 8.94
N GLY B 291 -16.49 -23.96 9.66
CA GLY B 291 -15.16 -23.48 9.50
C GLY B 291 -14.86 -22.24 10.30
N SER B 292 -13.76 -21.56 9.96
CA SER B 292 -13.20 -20.44 10.73
C SER B 292 -12.48 -19.47 9.83
N ILE B 293 -12.30 -18.26 10.27
CA ILE B 293 -11.57 -17.32 9.46
C ILE B 293 -10.66 -16.56 10.42
N LEU B 294 -9.37 -16.43 10.09
CA LEU B 294 -8.46 -15.60 10.87
C LEU B 294 -8.03 -14.43 10.05
N TYR B 295 -7.77 -13.30 10.66
CA TYR B 295 -7.31 -12.17 9.90
C TYR B 295 -6.43 -11.30 10.80
N ASP B 296 -5.38 -10.70 10.22
CA ASP B 296 -4.52 -9.80 10.92
C ASP B 296 -4.15 -8.56 10.07
N GLN B 297 -4.53 -7.40 10.58
CA GLN B 297 -4.21 -6.15 9.98
C GLN B 297 -2.71 -5.95 9.77
N GLU B 298 -1.85 -6.60 10.56
CA GLU B 298 -0.39 -6.41 10.29
C GLU B 298 0.14 -7.08 9.00
N ARG B 299 -0.58 -8.11 8.55
CA ARG B 299 -0.51 -8.75 7.25
C ARG B 299 -1.90 -8.55 6.58
N MSE B 300 -2.16 -7.31 6.25
CA MSE B 300 -3.46 -6.81 5.77
C MSE B 300 -3.97 -7.41 4.42
O MSE B 300 -5.17 -7.39 4.13
CB MSE B 300 -3.29 -5.30 5.66
CG MSE B 300 -4.37 -4.55 5.14
SE MSE B 300 -3.66 -2.79 4.52
CE MSE B 300 -4.83 -2.67 2.94
N ASN B 301 -3.06 -7.94 3.62
CA ASN B 301 -3.39 -8.39 2.30
C ASN B 301 -3.43 -9.91 2.28
N GLU B 302 -3.82 -10.54 3.38
CA GLU B 302 -4.01 -11.96 3.42
C GLU B 302 -5.01 -12.32 4.48
N PHE B 303 -5.53 -13.55 4.44
CA PHE B 303 -6.24 -14.08 5.57
C PHE B 303 -6.27 -15.58 5.52
N GLU B 304 -6.82 -16.19 6.53
CA GLU B 304 -6.80 -17.63 6.61
C GLU B 304 -8.23 -18.15 6.75
N LEU B 305 -8.51 -19.20 5.98
CA LEU B 305 -9.79 -19.81 5.93
C LEU B 305 -9.70 -21.32 6.16
N TYR B 306 -10.44 -21.83 7.13
CA TYR B 306 -10.53 -23.25 7.30
C TYR B 306 -11.92 -23.80 6.91
N GLN B 307 -12.00 -24.73 5.96
CA GLN B 307 -13.29 -25.34 5.66
C GLN B 307 -13.31 -26.81 6.11
N ALA B 308 -14.25 -27.20 6.96
CA ALA B 308 -14.38 -28.60 7.33
C ALA B 308 -14.95 -29.50 6.19
N GLU B 309 -14.09 -29.91 5.27
CA GLU B 309 -14.51 -30.37 3.96
C GLU B 309 -13.36 -31.18 3.40
N GLY B 310 -13.63 -32.31 2.76
CA GLY B 310 -12.57 -32.99 1.98
C GLY B 310 -11.80 -33.89 2.89
N PRO B 311 -10.77 -34.59 2.37
CA PRO B 311 -10.16 -35.56 3.32
C PRO B 311 -9.51 -34.82 4.50
N GLY B 312 -9.82 -35.33 5.68
CA GLY B 312 -9.29 -34.85 6.93
C GLY B 312 -7.79 -34.98 7.02
N SER B 313 -7.17 -35.87 6.25
CA SER B 313 -5.72 -35.81 6.25
C SER B 313 -5.15 -34.50 5.58
N GLU B 314 -6.01 -33.66 5.00
CA GLU B 314 -5.55 -32.41 4.44
C GLU B 314 -6.34 -31.19 4.80
N GLN B 315 -6.94 -31.14 5.97
CA GLN B 315 -7.54 -29.87 6.27
C GLN B 315 -6.57 -29.00 7.03
N GLY B 316 -6.76 -27.71 6.86
CA GLY B 316 -6.05 -26.77 7.64
C GLY B 316 -6.40 -25.42 7.10
N PHE B 317 -5.92 -24.40 7.75
CA PHE B 317 -6.10 -23.08 7.28
C PHE B 317 -5.42 -22.77 5.94
N ARG B 318 -6.21 -22.26 5.01
CA ARG B 318 -5.63 -21.80 3.81
C ARG B 318 -5.25 -20.36 3.85
N LYS B 319 -4.00 -20.06 3.49
CA LYS B 319 -3.55 -18.68 3.46
C LYS B 319 -3.91 -18.16 2.09
N ILE B 320 -4.98 -17.37 2.02
CA ILE B 320 -5.35 -16.71 0.80
C ILE B 320 -4.82 -15.30 0.78
N LEU B 321 -4.16 -14.96 -0.31
CA LEU B 321 -3.53 -13.64 -0.54
C LEU B 321 -4.43 -12.82 -1.43
N ALA B 322 -4.71 -11.58 -1.04
CA ALA B 322 -5.48 -10.66 -1.87
C ALA B 322 -5.03 -10.65 -3.36
N ALA B 323 -6.04 -10.58 -4.22
CA ALA B 323 -5.86 -10.80 -5.62
C ALA B 323 -6.91 -10.03 -6.35
N PRO B 324 -6.77 -9.92 -7.66
CA PRO B 324 -7.78 -9.20 -8.47
C PRO B 324 -9.23 -9.69 -8.31
N ALA B 325 -9.43 -10.99 -8.07
CA ALA B 325 -10.78 -11.52 -7.91
C ALA B 325 -11.49 -11.01 -6.66
N HIS B 326 -10.77 -10.37 -5.75
CA HIS B 326 -11.36 -9.79 -4.53
C HIS B 326 -11.46 -8.32 -4.81
N ARG B 327 -12.57 -7.91 -5.40
CA ARG B 327 -12.73 -6.50 -5.76
C ARG B 327 -12.73 -5.63 -4.52
N PRO B 328 -12.20 -4.42 -4.64
CA PRO B 328 -11.73 -3.83 -5.88
C PRO B 328 -10.23 -3.78 -5.98
N TYR B 329 -9.55 -4.79 -5.43
CA TYR B 329 -8.08 -4.93 -5.57
C TYR B 329 -7.61 -4.76 -7.00
N ASP B 330 -8.35 -5.33 -7.94
CA ASP B 330 -8.01 -5.27 -9.37
C ASP B 330 -7.98 -3.84 -9.91
N ARG B 331 -8.67 -2.91 -9.26
CA ARG B 331 -8.58 -1.54 -9.75
C ARG B 331 -7.26 -0.93 -9.31
N PHE B 332 -6.55 -1.59 -8.39
CA PHE B 332 -5.22 -1.12 -8.01
C PHE B 332 -4.03 -1.83 -8.70
N ILE B 333 -3.95 -3.13 -8.60
CA ILE B 333 -2.84 -3.84 -9.23
C ILE B 333 -3.44 -5.00 -9.95
N PRO B 334 -2.84 -5.44 -11.05
CA PRO B 334 -3.56 -6.57 -11.64
C PRO B 334 -2.92 -7.91 -11.35
N ALA B 335 -2.02 -7.96 -10.38
CA ALA B 335 -1.35 -9.23 -10.05
C ALA B 335 -1.55 -9.57 -8.59
N PRO B 336 -1.76 -10.87 -8.25
CA PRO B 336 -2.02 -11.20 -6.84
C PRO B 336 -0.78 -11.08 -6.02
N GLY B 337 -0.97 -10.97 -4.72
CA GLY B 337 0.13 -11.12 -3.79
C GLY B 337 0.98 -9.90 -3.63
N HIS B 338 0.54 -8.81 -4.21
CA HIS B 338 1.37 -7.63 -4.29
C HIS B 338 1.10 -6.60 -3.22
N GLY B 339 -0.11 -6.55 -2.69
CA GLY B 339 -0.37 -5.67 -1.55
C GLY B 339 -0.89 -4.27 -1.80
N LEU B 340 -1.99 -3.94 -1.14
CA LEU B 340 -2.40 -2.56 -0.96
C LEU B 340 -1.78 -2.07 0.33
N GLY B 341 -1.52 -0.77 0.37
CA GLY B 341 -1.06 -0.15 1.60
C GLY B 341 -2.26 0.34 2.37
N PHE B 342 -2.00 0.83 3.55
CA PHE B 342 -3.03 1.42 4.38
C PHE B 342 -3.74 2.64 3.74
N ASN B 343 -3.01 3.45 3.01
CA ASN B 343 -3.59 4.61 2.34
C ASN B 343 -4.60 4.27 1.25
N ASP B 344 -4.39 3.16 0.56
CA ASP B 344 -5.36 2.67 -0.38
C ASP B 344 -6.72 2.45 0.31
N LEU B 345 -6.75 2.13 1.58
CA LEU B 345 -8.03 2.02 2.23
C LEU B 345 -8.88 3.30 2.13
N LYS B 346 -8.23 4.45 2.15
CA LYS B 346 -8.90 5.73 2.11
C LYS B 346 -9.45 6.00 0.71
N ILE B 347 -8.69 5.62 -0.31
CA ILE B 347 -9.14 5.78 -1.67
C ILE B 347 -10.42 4.97 -1.83
N ILE B 348 -10.47 3.76 -1.29
CA ILE B 348 -11.67 2.96 -1.52
C ILE B 348 -12.81 3.65 -0.80
N GLU B 349 -12.58 4.04 0.45
CA GLU B 349 -13.65 4.72 1.20
C GLU B 349 -14.19 5.91 0.40
N CYS B 350 -13.27 6.69 -0.14
CA CYS B 350 -13.60 7.91 -0.81
C CYS B 350 -14.47 7.58 -2.01
N ARG B 351 -14.21 6.44 -2.64
CA ARG B 351 -15.03 6.03 -3.75
C ARG B 351 -16.42 5.70 -3.25
N GLU B 352 -16.51 5.02 -2.13
CA GLU B 352 -17.80 4.64 -1.61
C GLU B 352 -18.66 5.88 -1.22
N LEU B 353 -17.99 6.92 -0.70
CA LEU B 353 -18.69 8.13 -0.31
C LEU B 353 -19.31 8.79 -1.54
N ILE B 354 -18.53 8.85 -2.61
CA ILE B 354 -18.99 9.35 -3.90
C ILE B 354 -20.16 8.54 -4.41
N ARG B 355 -20.08 7.23 -4.22
CA ARG B 355 -21.17 6.35 -4.59
C ARG B 355 -22.36 6.81 -3.82
N ALA B 356 -22.18 7.10 -2.53
CA ALA B 356 -23.33 7.41 -1.70
C ALA B 356 -24.00 8.71 -2.15
N ILE B 357 -23.19 9.68 -2.58
CA ILE B 357 -23.67 11.01 -2.87
C ILE B 357 -24.58 10.96 -4.08
N THR B 358 -24.12 10.34 -5.16
CA THR B 358 -25.03 9.95 -6.22
C THR B 358 -26.00 8.90 -5.62
N GLY B 359 -25.42 7.94 -4.91
CA GLY B 359 -26.09 6.88 -4.15
C GLY B 359 -27.55 6.56 -4.37
N GLU B 360 -27.86 5.39 -4.95
CA GLU B 360 -26.97 4.20 -5.12
C GLU B 360 -26.34 3.60 -3.85
N PRO B 361 -26.77 2.39 -3.49
CA PRO B 361 -26.35 1.80 -2.21
C PRO B 361 -24.82 1.69 -2.13
N SER B 362 -24.27 2.10 -1.00
CA SER B 362 -22.84 2.06 -0.81
C SER B 362 -22.53 1.36 0.50
N SER B 363 -21.26 1.16 0.76
CA SER B 363 -20.88 0.56 2.04
C SER B 363 -20.00 1.55 2.80
N ILE B 364 -20.68 2.39 3.53
CA ILE B 364 -20.10 3.52 4.15
C ILE B 364 -20.68 3.45 5.54
N VAL B 365 -20.05 4.11 6.50
CA VAL B 365 -20.71 4.17 7.78
C VAL B 365 -21.33 5.54 7.89
N THR B 366 -22.64 5.52 8.03
CA THR B 366 -23.38 6.76 8.20
C THR B 366 -23.43 7.09 9.67
N PHE B 367 -23.59 8.39 9.93
CA PHE B 367 -23.89 8.92 11.26
C PHE B 367 -24.93 8.09 11.96
N LYS B 368 -25.91 7.67 11.21
CA LYS B 368 -26.98 6.93 11.78
C LYS B 368 -26.41 5.68 12.46
N ASP B 369 -25.50 5.00 11.75
CA ASP B 369 -24.94 3.75 12.28
C ASP B 369 -23.74 4.02 13.17
N GLY B 370 -23.07 5.13 12.92
CA GLY B 370 -21.95 5.53 13.75
C GLY B 370 -22.39 5.76 15.19
N LEU B 371 -23.57 6.36 15.31
CA LEU B 371 -24.16 6.62 16.57
C LEU B 371 -24.40 5.33 17.32
N ARG B 372 -25.09 4.40 16.69
CA ARG B 372 -25.37 3.15 17.36
C ARG B 372 -24.09 2.41 17.78
N ILE B 373 -22.97 2.74 17.13
CA ILE B 373 -21.66 2.25 17.57
C ILE B 373 -21.20 3.00 18.82
N GLU B 374 -21.18 4.34 18.74
CA GLU B 374 -20.84 5.13 19.92
C GLU B 374 -21.79 4.87 21.08
N LYS B 375 -23.04 4.53 20.75
CA LYS B 375 -23.91 4.00 21.78
C LYS B 375 -23.17 2.86 22.49
N SER B 376 -22.82 1.81 21.74
CA SER B 376 -22.17 0.59 22.27
C SER B 376 -21.01 0.91 23.18
N VAL B 377 -20.24 1.91 22.73
CA VAL B 377 -19.01 2.28 23.39
C VAL B 377 -19.28 2.97 24.72
N HIS B 378 -20.33 3.79 24.77
CA HIS B 378 -20.72 4.45 26.02
C HIS B 378 -21.24 3.38 26.94
N ALA B 379 -22.12 2.54 26.45
CA ALA B 379 -22.54 1.42 27.26
C ALA B 379 -21.31 0.63 27.72
N MSE B 380 -20.27 0.57 26.91
CA MSE B 380 -19.13 -0.23 27.26
C MSE B 380 -18.52 0.35 28.53
O MSE B 380 -18.38 -0.35 29.51
CB MSE B 380 -18.14 -0.19 26.11
CG MSE B 380 -17.66 -1.56 25.57
SE MSE B 380 -17.40 -1.45 23.60
CE MSE B 380 -18.82 -2.71 23.08
N ALA B 381 -18.19 1.65 28.50
CA ALA B 381 -17.61 2.38 29.63
C ALA B 381 -18.53 2.43 30.83
N GLN B 382 -19.81 2.34 30.59
CA GLN B 382 -20.73 2.29 31.68
C GLN B 382 -20.63 0.95 32.42
N SER B 383 -20.71 -0.16 31.70
CA SER B 383 -20.74 -1.52 32.30
C SER B 383 -19.49 -1.81 33.11
N PHE B 384 -18.48 -0.97 32.93
CA PHE B 384 -17.31 -1.03 33.80
C PHE B 384 -17.63 -0.24 35.07
N HIS B 385 -17.52 1.08 35.02
CA HIS B 385 -17.92 1.91 36.16
C HIS B 385 -19.07 1.33 37.06
N GLU B 386 -20.17 0.86 36.47
CA GLU B 386 -21.28 0.16 37.16
C GLU B 386 -21.01 -1.26 37.63
N ARG B 387 -19.87 -1.84 37.25
CA ARG B 387 -19.55 -3.29 37.40
C ARG B 387 -20.69 -4.33 37.18
N ARG B 388 -21.44 -4.17 36.09
CA ARG B 388 -22.47 -5.17 35.69
C ARG B 388 -22.70 -5.09 34.18
N TRP B 389 -23.32 -6.15 33.65
CA TRP B 389 -23.79 -6.22 32.27
C TRP B 389 -24.65 -5.03 31.90
N ILE B 390 -24.77 -4.72 30.61
CA ILE B 390 -25.56 -3.57 30.19
C ILE B 390 -26.24 -3.90 28.90
N GLU B 391 -27.39 -3.32 28.62
CA GLU B 391 -28.05 -3.73 27.39
C GLU B 391 -28.29 -2.60 26.44
N ILE B 392 -28.47 -2.94 25.16
CA ILE B 392 -28.53 -1.92 24.14
C ILE B 392 -29.57 -2.35 23.09
#